data_4GUS
#
_entry.id   4GUS
#
_cell.length_a   101.083
_cell.length_b   101.083
_cell.length_c   177.372
_cell.angle_alpha   90.00
_cell.angle_beta   90.00
_cell.angle_gamma   120.00
#
_symmetry.space_group_name_H-M   'P 32 2 1'
#
loop_
_entity.id
_entity.type
_entity.pdbx_description
1 polymer 'Lysine-specific histone demethylase 1B'
2 polymer 'Putative oxidoreductase GLYR1'
3 polymer 'Histone H3.3'
4 non-polymer 'FLAVIN-ADENINE DINUCLEOTIDE'
5 non-polymer 'IODIDE ION'
6 non-polymer GLYCEROL
7 non-polymer 'ZINC ION'
8 water water
#
loop_
_entity_poly.entity_id
_entity_poly.type
_entity_poly.pdbx_seq_one_letter_code
_entity_poly.pdbx_strand_id
1 'polypeptide(L)'
;PLGSRKCEKAGCTATCPVCFASASERCAKNGYTSRWYHLSCGEHFCNECFDHYYRSHKDGYDKYTTWKKIWTSNGKTEPS
PKAFMADQQLPYWVQCTKPECRKWRQLTKEIQLTPQIAKTYRCGMKPNTAIKPETSDHCSLPEDLRVLEVSNHWWYSMLI
LPPLLKDSVAAPLLSAYYPDCVGMSPSCTSTNRAAATGNASPGKLEHSKAALSVHVPGMNRYFQPFYQPNECGKALCVRP
DVMELDELYEFPEYSRDPTMYLALRNLILALWYTNCKEALTPQKCIPHIIVRGLVRIRCVQEVERILYFMTRKGLINTGV
LSVGADQYLLPKDYHNKSVIIIGAGPAGLAAARQLHNFGIKVTVLEAKDRIGGRVWDDKSFKGVTVGRGAQIVNGCINNP
VALMCEQLGISMHKFGERCDLIQEGGRITDPTIDKRMDFHFNALLDVVSEWRKDKTQLQDVPLGEKIEEIYKAFIKESGI
QFSELEGQVLQFHLSNLEYACGSNLHQVSARSWDHNEFFAQFAGDHTLLTPGYSVIIEKLAEGLDIQLKSPVQCIDYSGD
EVQVTTTDGTGYSAQKVLVTVPLALLQKGAIQFNPPLSEKKMKAINSLGAGIIEKIALQFPYRFWDSKVQGADFFGHVPP
SASKRGLFAVFYDMDPQKKHSVLMSVIAGEAVASVRTLDDKQVLQQCMATLRELFKEQEVPDPTKYFVTRWSTDPWIQMA
YSFVKTGGSGEAYDIIAEDIQGTVFFAGEATNRHFPQTVTGAYLSGVREASKIAAF
;
A
2 'polypeptide(L)'
;PLGSPEFSERGSKSPLKRAQEQSPRKRGRPPKDEKDLTIPESSTVKGMMAGPMAAFKWQPTASEPVKDADPHFHHFLLSQ
TEKPAVCYQAITKKLKICEEETGSTSIQAADSTAVNGSITPTDK
;
B
3 'polypeptide(L)' ARTMQTARKSTGGKAPRKQLA C
#
loop_
_chem_comp.id
_chem_comp.type
_chem_comp.name
_chem_comp.formula
FAD non-polymer 'FLAVIN-ADENINE DINUCLEOTIDE' 'C27 H33 N9 O15 P2'
GOL non-polymer GLYCEROL 'C3 H8 O3'
IOD non-polymer 'IODIDE ION' 'I -1'
ZN non-polymer 'ZINC ION' 'Zn 2'
#
# COMPACT_ATOMS: atom_id res chain seq x y z
N GLY A 3 -34.57 47.27 -1.43
CA GLY A 3 -34.14 47.54 -0.08
C GLY A 3 -34.40 46.38 0.88
N SER A 4 -33.30 45.82 1.40
CA SER A 4 -33.34 44.75 2.40
C SER A 4 -31.98 44.67 3.06
N ARG A 5 -31.97 44.27 4.33
CA ARG A 5 -30.71 44.01 5.04
C ARG A 5 -30.64 42.54 5.44
N LYS A 6 -31.50 41.72 4.83
CA LYS A 6 -31.63 40.32 5.22
C LYS A 6 -31.12 39.38 4.12
N CYS A 7 -30.36 38.37 4.52
CA CYS A 7 -29.84 37.37 3.58
C CYS A 7 -30.97 36.55 2.98
N GLU A 8 -30.83 36.22 1.70
CA GLU A 8 -31.79 35.35 0.98
C GLU A 8 -31.97 33.99 1.65
N LYS A 9 -30.99 33.59 2.46
CA LYS A 9 -30.85 32.21 2.91
C LYS A 9 -31.39 31.96 4.32
N ALA A 10 -32.43 31.13 4.40
CA ALA A 10 -33.04 30.77 5.68
C ALA A 10 -32.06 30.06 6.60
N GLY A 11 -31.83 30.67 7.76
CA GLY A 11 -30.96 30.09 8.77
C GLY A 11 -29.60 30.78 8.85
N CYS A 12 -29.34 31.68 7.90
CA CYS A 12 -28.05 32.35 7.87
C CYS A 12 -27.90 33.16 9.15
N THR A 13 -26.69 33.14 9.71
CA THR A 13 -26.44 33.75 11.00
C THR A 13 -25.96 35.20 10.87
N ALA A 14 -25.76 35.64 9.64
CA ALA A 14 -25.33 37.00 9.40
C ALA A 14 -26.48 37.97 9.66
N THR A 15 -26.34 38.80 10.70
CA THR A 15 -27.35 39.82 10.99
C THR A 15 -27.04 41.12 10.26
N CYS A 16 -25.76 41.31 9.92
CA CYS A 16 -25.33 42.47 9.17
C CYS A 16 -24.53 42.04 7.94
N PRO A 17 -25.23 41.77 6.82
CA PRO A 17 -24.54 41.39 5.58
C PRO A 17 -23.72 42.55 5.00
N VAL A 18 -22.48 42.27 4.59
CA VAL A 18 -21.70 43.25 3.84
C VAL A 18 -21.32 42.65 2.49
N CYS A 19 -21.10 43.50 1.49
CA CYS A 19 -20.72 43.01 0.17
C CYS A 19 -19.20 42.87 0.14
N PHE A 20 -18.70 41.70 -0.26
CA PHE A 20 -17.25 41.52 -0.38
C PHE A 20 -16.77 41.96 -1.76
N ALA A 21 -17.67 41.98 -2.73
CA ALA A 21 -17.33 42.31 -4.12
C ALA A 21 -16.85 43.75 -4.28
N SER A 22 -17.69 44.70 -3.87
CA SER A 22 -17.44 46.13 -4.08
C SER A 22 -16.98 46.41 -5.50
N ALA A 23 -17.68 45.80 -6.46
CA ALA A 23 -17.35 45.88 -7.86
C ALA A 23 -18.08 47.05 -8.50
N SER A 24 -19.40 47.03 -8.40
CA SER A 24 -20.26 48.08 -8.96
C SER A 24 -20.04 49.42 -8.29
N GLU A 25 -20.16 50.49 -9.08
CA GLU A 25 -20.13 51.84 -8.54
C GLU A 25 -21.28 52.05 -7.55
N ARG A 26 -22.37 51.32 -7.76
CA ARG A 26 -23.53 51.35 -6.87
C ARG A 26 -23.58 50.25 -5.80
N CYS A 27 -22.42 49.72 -5.41
CA CYS A 27 -22.36 48.63 -4.43
C CYS A 27 -23.09 49.00 -3.14
N ALA A 28 -23.93 48.10 -2.65
CA ALA A 28 -24.69 48.35 -1.42
C ALA A 28 -23.79 48.50 -0.19
N LYS A 29 -22.55 48.01 -0.28
CA LYS A 29 -21.63 47.99 0.86
C LYS A 29 -22.25 47.25 2.05
N ASN A 30 -22.41 47.95 3.17
CA ASN A 30 -23.11 47.41 4.33
C ASN A 30 -24.57 47.83 4.39
N GLY A 31 -25.15 48.22 3.25
CA GLY A 31 -26.45 48.84 3.24
C GLY A 31 -27.60 48.00 2.68
N TYR A 32 -28.47 48.67 1.94
CA TYR A 32 -29.69 48.05 1.41
C TYR A 32 -29.55 47.66 -0.05
N THR A 33 -30.13 46.51 -0.40
CA THR A 33 -30.17 46.05 -1.78
C THR A 33 -31.42 45.21 -1.99
N SER A 34 -31.87 45.12 -3.24
CA SER A 34 -33.01 44.29 -3.58
C SER A 34 -32.80 42.83 -3.18
N ARG A 35 -31.53 42.41 -3.16
CA ARG A 35 -31.20 41.03 -2.80
C ARG A 35 -29.75 40.85 -2.36
N TRP A 36 -29.58 40.15 -1.24
CA TRP A 36 -28.26 39.78 -0.79
C TRP A 36 -28.00 38.34 -1.21
N TYR A 37 -26.92 38.13 -1.95
CA TYR A 37 -26.59 36.78 -2.40
C TYR A 37 -25.68 36.09 -1.39
N HIS A 38 -26.06 34.89 -1.01
CA HIS A 38 -25.36 34.15 0.04
C HIS A 38 -24.32 33.15 -0.52
N LEU A 39 -23.05 33.37 -0.18
CA LEU A 39 -22.00 32.42 -0.48
C LEU A 39 -21.76 31.54 0.74
N SER A 40 -21.51 32.17 1.87
CA SER A 40 -21.44 31.51 3.16
C SER A 40 -22.06 32.43 4.20
N CYS A 41 -22.00 32.03 5.47
CA CYS A 41 -22.54 32.84 6.56
C CYS A 41 -21.79 34.16 6.79
N GLY A 42 -20.53 34.21 6.41
CA GLY A 42 -19.72 35.41 6.55
C GLY A 42 -19.52 36.19 5.25
N GLU A 43 -20.10 35.69 4.17
CA GLU A 43 -19.81 36.19 2.83
C GLU A 43 -21.04 36.33 1.95
N HIS A 44 -21.35 37.58 1.60
CA HIS A 44 -22.49 37.90 0.73
C HIS A 44 -22.07 38.94 -0.29
N PHE A 45 -22.83 39.05 -1.36
CA PHE A 45 -22.60 40.16 -2.28
C PHE A 45 -23.94 40.76 -2.72
N CYS A 46 -23.92 42.05 -3.03
CA CYS A 46 -25.15 42.80 -3.30
C CYS A 46 -25.61 42.58 -4.73
N ASN A 47 -26.90 42.82 -4.97
CA ASN A 47 -27.48 42.69 -6.31
C ASN A 47 -26.85 43.61 -7.35
N GLU A 48 -26.27 44.72 -6.90
CA GLU A 48 -25.59 45.63 -7.82
C GLU A 48 -24.30 45.00 -8.35
N CYS A 49 -23.61 44.26 -7.51
CA CYS A 49 -22.38 43.60 -7.93
C CYS A 49 -22.66 42.33 -8.72
N PHE A 50 -23.77 41.67 -8.39
CA PHE A 50 -24.28 40.58 -9.19
C PHE A 50 -24.44 41.05 -10.64
N ASP A 51 -25.19 42.16 -10.82
CA ASP A 51 -25.46 42.72 -12.15
C ASP A 51 -24.20 43.15 -12.88
N HIS A 52 -23.27 43.76 -12.14
CA HIS A 52 -22.00 44.20 -12.69
C HIS A 52 -21.37 43.12 -13.56
N TYR A 53 -21.35 41.88 -13.06
CA TYR A 53 -20.76 40.76 -13.79
C TYR A 53 -21.76 40.04 -14.69
N TYR A 54 -23.00 39.92 -14.24
CA TYR A 54 -23.97 39.06 -14.92
C TYR A 54 -24.68 39.68 -16.12
N ARG A 55 -24.79 41.00 -16.17
CA ARG A 55 -25.59 41.67 -17.21
C ARG A 55 -24.74 42.13 -18.39
N SER A 56 -25.25 41.95 -19.62
CA SER A 56 -24.49 42.24 -20.85
C SER A 56 -24.01 43.68 -20.97
N HIS A 57 -24.84 44.63 -20.54
CA HIS A 57 -24.51 46.04 -20.63
C HIS A 57 -23.55 46.50 -19.52
N LYS A 58 -23.27 45.62 -18.56
CA LYS A 58 -22.46 46.01 -17.41
C LYS A 58 -20.98 45.69 -17.58
N ASP A 59 -20.14 46.41 -16.85
CA ASP A 59 -18.70 46.43 -17.07
C ASP A 59 -17.94 45.14 -16.76
N GLY A 60 -18.58 44.22 -16.05
CA GLY A 60 -17.91 43.00 -15.65
C GLY A 60 -18.36 41.82 -16.48
N TYR A 61 -19.20 42.07 -17.49
CA TYR A 61 -19.73 41.00 -18.32
C TYR A 61 -18.62 40.31 -19.14
N ASP A 62 -17.59 41.08 -19.48
CA ASP A 62 -16.48 40.57 -20.26
C ASP A 62 -15.66 39.59 -19.43
N LYS A 63 -15.35 40.00 -18.21
CA LYS A 63 -14.66 39.13 -17.25
C LYS A 63 -15.45 37.85 -16.97
N TYR A 64 -16.75 38.01 -16.70
CA TYR A 64 -17.62 36.87 -16.43
C TYR A 64 -17.71 35.86 -17.57
N THR A 65 -18.00 36.35 -18.79
CA THR A 65 -18.16 35.46 -19.94
C THR A 65 -16.88 34.77 -20.38
N THR A 66 -15.75 35.48 -20.26
CA THR A 66 -14.43 34.91 -20.52
C THR A 66 -14.22 33.71 -19.58
N TRP A 67 -14.33 33.96 -18.27
CA TRP A 67 -14.28 32.91 -17.25
C TRP A 67 -15.32 31.80 -17.51
N LYS A 68 -16.52 32.21 -17.90
CA LYS A 68 -17.61 31.24 -18.09
C LYS A 68 -17.34 30.23 -19.20
N LYS A 69 -16.73 30.70 -20.29
CA LYS A 69 -16.40 29.80 -21.39
C LYS A 69 -15.31 28.81 -20.94
N ILE A 70 -14.25 29.32 -20.33
CA ILE A 70 -13.20 28.47 -19.79
C ILE A 70 -13.78 27.40 -18.85
N TRP A 71 -14.62 27.84 -17.92
CA TRP A 71 -15.26 26.96 -16.93
C TRP A 71 -16.07 25.85 -17.59
N THR A 72 -16.74 26.21 -18.69
CA THR A 72 -17.73 25.32 -19.30
C THR A 72 -17.07 24.18 -20.09
N SER A 73 -15.81 24.39 -20.47
CA SER A 73 -15.08 23.41 -21.25
C SER A 73 -14.07 22.63 -20.40
N ASN A 74 -13.99 22.98 -19.11
CA ASN A 74 -13.15 22.26 -18.17
C ASN A 74 -13.95 21.50 -17.13
N GLY A 75 -14.90 22.20 -16.50
CA GLY A 75 -15.64 21.65 -15.39
C GLY A 75 -16.95 21.01 -15.76
N LYS A 76 -17.55 20.34 -14.80
CA LYS A 76 -18.84 19.69 -14.99
C LYS A 76 -19.95 20.53 -14.35
N THR A 77 -19.60 21.39 -13.40
CA THR A 77 -20.60 22.15 -12.66
C THR A 77 -20.99 23.44 -13.37
N GLU A 78 -22.29 23.73 -13.35
CA GLU A 78 -22.88 24.90 -14.02
C GLU A 78 -22.18 26.17 -13.63
N PRO A 79 -21.87 27.02 -14.62
CA PRO A 79 -21.19 28.25 -14.21
C PRO A 79 -22.26 29.20 -13.65
N SER A 80 -21.94 29.85 -12.53
CA SER A 80 -22.87 30.77 -11.90
C SER A 80 -22.12 31.99 -11.47
N PRO A 81 -22.85 33.10 -11.25
CA PRO A 81 -22.22 34.28 -10.65
C PRO A 81 -21.65 33.90 -9.28
N LYS A 82 -22.36 33.05 -8.54
CA LYS A 82 -21.85 32.57 -7.26
C LYS A 82 -20.55 31.80 -7.43
N ALA A 83 -20.55 30.79 -8.30
CA ALA A 83 -19.33 30.06 -8.63
C ALA A 83 -18.23 31.02 -9.03
N PHE A 84 -18.58 32.01 -9.84
CA PHE A 84 -17.63 33.02 -10.28
C PHE A 84 -17.04 33.76 -9.11
N MET A 85 -17.91 34.25 -8.24
CA MET A 85 -17.49 35.02 -7.06
C MET A 85 -16.53 34.21 -6.17
N ALA A 86 -16.88 32.95 -5.95
CA ALA A 86 -16.09 32.05 -5.12
C ALA A 86 -14.74 31.71 -5.76
N ASP A 87 -14.72 31.63 -7.08
CA ASP A 87 -13.49 31.28 -7.79
C ASP A 87 -12.59 32.48 -8.03
N GLN A 88 -13.21 33.63 -8.30
CA GLN A 88 -12.49 34.79 -8.83
C GLN A 88 -12.48 36.06 -7.96
N GLN A 89 -13.54 36.29 -7.18
CA GLN A 89 -13.66 37.60 -6.52
C GLN A 89 -13.57 37.61 -4.99
N LEU A 90 -14.05 36.55 -4.34
CA LEU A 90 -13.92 36.39 -2.89
C LEU A 90 -12.51 36.66 -2.40
N PRO A 91 -12.36 37.51 -1.38
CA PRO A 91 -11.02 37.78 -0.83
C PRO A 91 -10.39 36.56 -0.14
N TYR A 92 -9.06 36.57 -0.05
CA TYR A 92 -8.30 35.49 0.55
C TYR A 92 -8.09 35.72 2.03
N TRP A 93 -8.08 34.65 2.80
CA TRP A 93 -7.75 34.72 4.21
C TRP A 93 -6.46 33.97 4.45
N VAL A 94 -5.60 34.53 5.30
CA VAL A 94 -4.31 33.94 5.57
C VAL A 94 -4.03 34.04 7.06
N GLN A 95 -3.23 33.12 7.60
CA GLN A 95 -2.99 33.09 9.04
C GLN A 95 -1.64 33.67 9.42
N CYS A 96 -1.60 34.43 10.51
CA CYS A 96 -0.36 35.03 10.98
C CYS A 96 0.62 33.97 11.46
N THR A 97 1.88 34.17 11.07
CA THR A 97 2.97 33.21 11.27
C THR A 97 3.57 33.26 12.68
N LYS A 98 3.40 34.37 13.37
CA LYS A 98 3.86 34.49 14.74
C LYS A 98 3.19 33.44 15.63
N PRO A 99 4.01 32.63 16.32
CA PRO A 99 3.55 31.55 17.20
C PRO A 99 2.63 32.02 18.34
N GLU A 100 2.90 33.20 18.89
CA GLU A 100 2.11 33.73 19.99
C GLU A 100 0.81 34.41 19.54
N CYS A 101 0.65 34.58 18.23
CA CYS A 101 -0.53 35.26 17.67
C CYS A 101 -1.43 34.28 16.91
N ARG A 102 -0.97 33.87 15.73
CA ARG A 102 -1.69 32.87 14.91
C ARG A 102 -3.11 33.28 14.47
N LYS A 103 -3.39 34.58 14.44
CA LYS A 103 -4.72 35.06 14.04
C LYS A 103 -4.95 35.01 12.53
N TRP A 104 -6.21 34.83 12.14
CA TRP A 104 -6.61 34.85 10.74
C TRP A 104 -6.97 36.27 10.27
N ARG A 105 -6.45 36.66 9.10
CA ARG A 105 -6.67 38.00 8.59
C ARG A 105 -7.16 37.96 7.16
N GLN A 106 -8.05 38.87 6.81
CA GLN A 106 -8.51 38.98 5.44
C GLN A 106 -7.53 39.86 4.66
N LEU A 107 -7.13 39.40 3.47
CA LEU A 107 -6.27 40.18 2.59
C LEU A 107 -7.14 41.06 1.71
N THR A 108 -6.64 42.25 1.38
CA THR A 108 -7.37 43.18 0.54
C THR A 108 -7.74 42.57 -0.82
N LYS A 109 -8.83 43.06 -1.41
CA LYS A 109 -9.51 42.46 -2.56
C LYS A 109 -8.62 42.09 -3.76
N GLU A 110 -7.52 42.79 -3.92
CA GLU A 110 -6.71 42.60 -5.12
C GLU A 110 -5.46 41.73 -4.88
N ILE A 111 -5.13 41.48 -3.62
CA ILE A 111 -3.98 40.64 -3.30
C ILE A 111 -4.32 39.19 -3.60
N GLN A 112 -3.44 38.53 -4.37
CA GLN A 112 -3.59 37.11 -4.69
C GLN A 112 -2.76 36.31 -3.71
N LEU A 113 -3.37 35.28 -3.11
CA LEU A 113 -2.62 34.49 -2.13
C LEU A 113 -1.71 33.52 -2.87
N THR A 114 -0.50 33.39 -2.37
CA THR A 114 0.48 32.49 -2.92
C THR A 114 1.07 31.69 -1.77
N PRO A 115 1.66 30.53 -2.09
CA PRO A 115 2.41 29.73 -1.12
C PRO A 115 3.45 30.54 -0.34
N GLN A 116 4.11 31.47 -1.01
CA GLN A 116 5.13 32.28 -0.35
C GLN A 116 4.53 33.20 0.70
N ILE A 117 3.42 33.86 0.34
CA ILE A 117 2.72 34.72 1.28
C ILE A 117 2.26 33.94 2.52
N ALA A 118 1.59 32.82 2.28
CA ALA A 118 1.17 31.91 3.36
C ALA A 118 2.34 31.45 4.24
N LYS A 119 3.50 31.20 3.62
CA LYS A 119 4.67 30.72 4.35
C LYS A 119 5.21 31.76 5.33
N THR A 120 5.04 33.04 5.00
CA THR A 120 5.74 34.11 5.72
C THR A 120 4.85 35.18 6.36
N TYR A 121 3.54 35.12 6.11
CA TYR A 121 2.63 36.22 6.46
C TYR A 121 2.68 36.62 7.95
N ARG A 122 2.60 37.92 8.20
CA ARG A 122 2.48 38.43 9.57
C ARG A 122 1.42 39.54 9.58
N CYS A 123 0.76 39.71 10.73
CA CYS A 123 -0.29 40.72 10.88
C CYS A 123 0.15 42.11 10.41
N GLY A 124 -0.58 42.66 9.44
CA GLY A 124 -0.35 44.01 8.98
C GLY A 124 0.83 44.18 8.04
N MET A 125 1.19 43.11 7.33
CA MET A 125 2.32 43.16 6.40
C MET A 125 1.95 43.94 5.15
N LYS A 126 2.69 45.01 4.89
CA LYS A 126 2.47 45.88 3.74
C LYS A 126 3.64 45.75 2.77
N PRO A 127 3.44 46.17 1.50
CA PRO A 127 4.57 46.24 0.56
C PRO A 127 5.70 47.15 1.06
N ASN A 128 6.86 47.10 0.39
CA ASN A 128 8.00 47.95 0.73
C ASN A 128 7.62 49.43 0.81
N THR A 129 8.18 50.15 1.78
CA THR A 129 7.83 51.55 1.96
C THR A 129 9.01 52.39 2.48
N ALA A 130 9.09 53.62 1.99
CA ALA A 130 10.14 54.56 2.42
C ALA A 130 9.77 55.27 3.73
N ILE A 131 8.49 55.28 4.06
CA ILE A 131 8.08 55.93 5.30
C ILE A 131 8.44 55.02 6.47
N LYS A 132 8.93 55.61 7.54
CA LYS A 132 9.21 54.83 8.76
C LYS A 132 7.89 54.22 9.24
N PRO A 133 7.93 52.92 9.59
CA PRO A 133 6.74 52.20 10.06
C PRO A 133 6.26 52.77 11.39
N GLU A 134 4.94 52.83 11.55
CA GLU A 134 4.34 53.17 12.83
C GLU A 134 4.78 52.13 13.87
N THR A 135 4.82 52.54 15.13
CA THR A 135 5.36 51.68 16.17
C THR A 135 4.36 50.61 16.64
N SER A 136 3.15 50.68 16.10
CA SER A 136 2.02 49.84 16.52
C SER A 136 2.33 48.34 16.50
N ASP A 137 1.47 47.59 17.19
CA ASP A 137 1.57 46.14 17.24
C ASP A 137 0.33 45.54 16.58
N HIS A 138 0.46 45.10 15.34
CA HIS A 138 -0.70 44.65 14.57
C HIS A 138 -1.27 43.30 14.99
N CYS A 139 -0.49 42.52 15.73
CA CYS A 139 -0.95 41.20 16.17
C CYS A 139 -2.01 41.28 17.26
N SER A 140 -2.06 42.40 17.97
CA SER A 140 -3.03 42.60 19.06
C SER A 140 -4.38 43.09 18.56
N LEU A 141 -4.42 43.52 17.30
CA LEU A 141 -5.67 43.83 16.63
C LEU A 141 -6.64 42.65 16.73
N PRO A 142 -7.92 42.95 17.02
CA PRO A 142 -8.93 41.90 17.22
C PRO A 142 -9.21 41.14 15.93
N GLU A 143 -9.38 39.83 16.05
CA GLU A 143 -9.67 38.98 14.91
C GLU A 143 -11.14 39.12 14.48
N ASP A 144 -11.37 39.22 13.18
CA ASP A 144 -12.70 39.29 12.61
C ASP A 144 -13.60 38.18 13.20
N LEU A 145 -14.80 38.57 13.64
CA LEU A 145 -15.67 37.67 14.40
C LEU A 145 -16.13 36.49 13.56
N ARG A 146 -16.07 36.65 12.24
CA ARG A 146 -16.52 35.59 11.33
C ARG A 146 -15.63 34.34 11.34
N VAL A 147 -14.38 34.50 11.76
CA VAL A 147 -13.41 33.41 11.84
C VAL A 147 -13.88 32.34 12.84
N LEU A 148 -14.29 32.78 14.02
CA LEU A 148 -14.84 31.91 15.06
C LEU A 148 -15.88 30.95 14.50
N GLU A 149 -16.76 31.46 13.65
CA GLU A 149 -17.93 30.72 13.16
C GLU A 149 -17.59 29.51 12.28
N VAL A 150 -16.44 29.56 11.61
CA VAL A 150 -16.07 28.58 10.59
C VAL A 150 -15.93 27.14 11.11
N SER A 151 -15.45 27.01 12.34
CA SER A 151 -15.23 25.69 12.92
C SER A 151 -16.51 25.04 13.47
N ASN A 152 -17.62 25.77 13.43
CA ASN A 152 -18.90 25.20 13.83
C ASN A 152 -19.38 24.26 12.75
N HIS A 153 -19.81 23.07 13.17
CA HIS A 153 -20.27 22.05 12.23
C HIS A 153 -21.29 22.61 11.22
N TRP A 154 -22.14 23.53 11.69
CA TRP A 154 -23.19 24.08 10.83
C TRP A 154 -22.70 25.11 9.78
N TRP A 155 -21.49 25.61 9.93
CA TRP A 155 -20.99 26.61 9.00
C TRP A 155 -20.89 25.97 7.60
N TYR A 156 -20.27 24.80 7.56
CA TYR A 156 -20.12 24.06 6.33
C TYR A 156 -21.46 23.69 5.69
N SER A 157 -22.44 23.32 6.51
CA SER A 157 -23.74 22.96 5.98
C SER A 157 -24.41 24.13 5.28
N MET A 158 -23.95 25.34 5.55
CA MET A 158 -24.52 26.53 4.89
C MET A 158 -23.61 27.21 3.87
N LEU A 159 -22.51 26.54 3.55
CA LEU A 159 -21.61 26.96 2.49
C LEU A 159 -22.25 26.43 1.20
N ILE A 160 -22.61 27.31 0.28
CA ILE A 160 -23.38 26.89 -0.91
C ILE A 160 -22.60 25.96 -1.86
N LEU A 161 -21.39 26.36 -2.19
CA LEU A 161 -20.60 25.62 -3.14
C LEU A 161 -19.34 25.15 -2.44
N PRO A 162 -18.97 23.87 -2.65
CA PRO A 162 -17.78 23.30 -2.01
C PRO A 162 -16.57 24.10 -2.44
N PRO A 163 -15.51 24.14 -1.61
CA PRO A 163 -14.31 24.87 -2.04
C PRO A 163 -13.64 24.14 -3.21
N LEU A 164 -12.81 24.85 -3.97
CA LEU A 164 -12.09 24.27 -5.08
C LEU A 164 -10.67 24.77 -5.03
N LEU A 165 -9.74 23.83 -4.86
CA LEU A 165 -8.35 24.22 -4.69
C LEU A 165 -7.76 24.71 -6.02
N LYS A 166 -6.85 25.67 -5.90
CA LYS A 166 -6.11 26.17 -7.04
C LYS A 166 -4.69 25.64 -6.98
N ASP A 167 -4.15 25.24 -8.13
CA ASP A 167 -2.76 24.78 -8.21
C ASP A 167 -2.45 23.67 -7.20
N SER A 168 -3.35 22.70 -7.08
CA SER A 168 -3.11 21.54 -6.25
C SER A 168 -2.01 20.64 -6.84
N VAL A 169 -1.03 20.30 -6.02
CA VAL A 169 0.00 19.34 -6.41
C VAL A 169 -0.62 18.07 -7.00
N ALA A 170 -1.83 17.74 -6.59
CA ALA A 170 -2.50 16.56 -7.14
C ALA A 170 -3.03 16.74 -8.57
N ALA A 171 -3.18 17.98 -9.03
CA ALA A 171 -3.77 18.26 -10.35
C ALA A 171 -3.15 17.50 -11.56
N PRO A 172 -1.82 17.55 -11.73
CA PRO A 172 -1.22 16.82 -12.86
C PRO A 172 -1.59 15.34 -12.92
N LEU A 173 -1.85 14.72 -11.77
CA LEU A 173 -2.13 13.30 -11.75
C LEU A 173 -3.58 13.00 -12.04
N LEU A 174 -4.40 14.05 -12.21
CA LEU A 174 -5.86 13.85 -12.27
C LEU A 174 -6.57 14.49 -13.47
N SER A 175 -5.80 14.88 -14.49
CA SER A 175 -6.36 15.54 -15.68
C SER A 175 -7.50 14.79 -16.38
N ALA A 176 -7.58 13.48 -16.15
CA ALA A 176 -8.61 12.65 -16.76
C ALA A 176 -10.00 12.94 -16.17
N TYR A 177 -10.02 13.51 -14.97
CA TYR A 177 -11.27 13.80 -14.29
C TYR A 177 -11.68 15.27 -14.44
N TYR A 178 -12.99 15.52 -14.36
CA TYR A 178 -13.51 16.88 -14.20
C TYR A 178 -12.95 17.47 -12.91
N PRO A 179 -12.13 18.54 -13.01
CA PRO A 179 -11.41 19.09 -11.85
C PRO A 179 -12.33 19.42 -10.68
N ASP A 180 -13.51 19.96 -10.97
CA ASP A 180 -14.42 20.36 -9.90
C ASP A 180 -14.99 19.16 -9.16
N CYS A 181 -14.99 17.99 -9.82
CA CYS A 181 -15.49 16.78 -9.20
C CYS A 181 -14.50 16.20 -8.18
N VAL A 182 -13.25 16.61 -8.29
CA VAL A 182 -12.23 16.25 -7.31
C VAL A 182 -11.74 17.49 -6.51
N GLY A 183 -12.62 18.48 -6.34
CA GLY A 183 -12.31 19.63 -5.50
C GLY A 183 -11.19 20.52 -6.00
N MET A 184 -11.11 20.66 -7.33
CA MET A 184 -10.08 21.49 -7.92
C MET A 184 -10.74 22.50 -8.85
N SER A 185 -10.15 23.68 -8.97
CA SER A 185 -10.77 24.74 -9.76
C SER A 185 -10.59 24.56 -11.27
N PRO A 186 -11.71 24.37 -11.99
CA PRO A 186 -11.74 24.23 -13.45
C PRO A 186 -11.07 25.39 -14.22
N SER A 187 -10.70 26.47 -13.54
CA SER A 187 -10.06 27.58 -14.24
C SER A 187 -8.57 27.69 -13.95
N CYS A 188 -7.91 26.55 -13.75
CA CYS A 188 -6.46 26.53 -13.53
C CYS A 188 -5.67 25.99 -14.72
N THR A 189 -4.34 25.92 -14.53
CA THR A 189 -3.39 25.44 -15.54
C THR A 189 -3.61 26.08 -16.91
N GLY A 218 8.80 14.43 -12.01
CA GLY A 218 9.90 13.54 -11.67
C GLY A 218 9.62 12.67 -10.46
N MET A 219 8.39 12.16 -10.36
CA MET A 219 7.97 11.32 -9.24
C MET A 219 8.19 9.84 -9.55
N ASN A 220 8.76 9.09 -8.61
CA ASN A 220 9.02 7.66 -8.76
C ASN A 220 7.91 6.93 -9.51
N ARG A 221 8.27 6.30 -10.62
CA ARG A 221 7.32 5.64 -11.51
C ARG A 221 6.52 4.50 -10.86
N TYR A 222 6.97 4.04 -9.69
CA TYR A 222 6.20 3.04 -8.93
C TYR A 222 5.06 3.65 -8.07
N PHE A 223 5.05 4.98 -7.93
CA PHE A 223 4.00 5.64 -7.15
C PHE A 223 2.82 5.98 -8.04
N GLN A 224 1.76 5.18 -7.99
CA GLN A 224 0.57 5.48 -8.77
C GLN A 224 -0.71 5.52 -7.87
N PRO A 225 -0.78 6.49 -6.95
CA PRO A 225 -1.80 6.48 -5.88
C PRO A 225 -3.24 6.62 -6.37
N PHE A 226 -3.44 7.17 -7.57
CA PHE A 226 -4.79 7.46 -8.04
C PHE A 226 -5.30 6.57 -9.16
N TYR A 227 -6.49 6.02 -9.00
CA TYR A 227 -7.13 5.27 -10.08
C TYR A 227 -7.41 6.16 -11.27
N GLN A 228 -7.34 5.57 -12.46
CA GLN A 228 -7.59 6.30 -13.71
C GLN A 228 -8.76 5.62 -14.42
N PRO A 229 -9.47 6.37 -15.28
CA PRO A 229 -10.63 5.82 -16.00
C PRO A 229 -10.28 4.55 -16.77
N ASN A 230 -11.15 3.56 -16.77
CA ASN A 230 -10.92 2.30 -17.49
C ASN A 230 -9.75 1.45 -16.99
N GLU A 231 -9.13 1.85 -15.88
CA GLU A 231 -8.03 1.10 -15.28
C GLU A 231 -8.55 -0.18 -14.65
N CYS A 232 -7.75 -1.23 -14.72
CA CYS A 232 -8.08 -2.42 -13.95
C CYS A 232 -7.74 -2.17 -12.48
N GLY A 233 -8.27 -3.01 -11.61
CA GLY A 233 -7.91 -2.93 -10.21
C GLY A 233 -6.40 -3.10 -10.00
N LYS A 234 -5.81 -2.21 -9.23
CA LYS A 234 -4.46 -2.44 -8.73
C LYS A 234 -4.36 -2.11 -7.24
N ALA A 235 -3.41 -2.75 -6.56
CA ALA A 235 -3.30 -2.69 -5.11
C ALA A 235 -2.91 -1.32 -4.60
N LEU A 236 -3.38 -1.02 -3.39
CA LEU A 236 -3.14 0.25 -2.70
C LEU A 236 -3.42 1.48 -3.58
N CYS A 237 -4.54 1.44 -4.29
CA CYS A 237 -4.91 2.56 -5.12
C CYS A 237 -6.22 3.16 -4.60
N VAL A 238 -6.32 4.49 -4.51
CA VAL A 238 -7.58 5.15 -4.16
C VAL A 238 -8.26 5.84 -5.35
N ARG A 239 -9.59 5.80 -5.38
CA ARG A 239 -10.34 6.67 -6.29
C ARG A 239 -10.23 8.13 -5.86
N PRO A 240 -9.83 8.99 -6.79
CA PRO A 240 -9.66 10.40 -6.44
C PRO A 240 -10.99 11.15 -6.32
N ASP A 241 -12.07 10.49 -6.72
CA ASP A 241 -13.39 11.10 -6.81
C ASP A 241 -14.40 10.38 -5.90
N VAL A 242 -13.93 9.38 -5.16
CA VAL A 242 -14.85 8.61 -4.30
C VAL A 242 -14.15 8.32 -2.98
N MET A 243 -14.91 8.43 -1.90
CA MET A 243 -14.35 8.18 -0.58
C MET A 243 -14.35 6.70 -0.30
N GLU A 244 -13.25 6.21 0.26
CA GLU A 244 -13.15 4.80 0.67
C GLU A 244 -14.04 4.56 1.88
N LEU A 245 -14.31 3.29 2.17
CA LEU A 245 -15.19 2.91 3.27
C LEU A 245 -14.79 3.50 4.62
N ASP A 246 -13.51 3.40 4.95
CA ASP A 246 -13.05 3.89 6.24
C ASP A 246 -13.03 5.40 6.26
N GLU A 247 -12.96 6.03 5.09
CA GLU A 247 -13.02 7.48 5.06
C GLU A 247 -14.45 7.93 5.37
N LEU A 248 -15.43 7.21 4.84
CA LEU A 248 -16.85 7.47 5.15
C LEU A 248 -17.11 7.32 6.64
N TYR A 249 -16.58 6.26 7.22
CA TYR A 249 -16.74 5.95 8.64
C TYR A 249 -16.17 7.04 9.53
N GLU A 250 -15.00 7.57 9.17
CA GLU A 250 -14.29 8.53 10.01
C GLU A 250 -14.77 9.97 9.80
N PHE A 251 -15.34 10.23 8.63
CA PHE A 251 -15.80 11.57 8.29
C PHE A 251 -17.21 11.47 7.69
N PRO A 252 -18.19 11.01 8.49
CA PRO A 252 -19.55 10.85 7.96
C PRO A 252 -20.17 12.19 7.51
N GLU A 253 -19.68 13.30 8.06
CA GLU A 253 -20.16 14.63 7.65
C GLU A 253 -19.76 15.04 6.23
N TYR A 254 -18.99 14.19 5.54
CA TYR A 254 -18.61 14.49 4.15
C TYR A 254 -19.16 13.50 3.13
N SER A 255 -20.03 12.58 3.58
CA SER A 255 -20.59 11.56 2.70
C SER A 255 -21.60 12.09 1.67
N ARG A 256 -22.23 13.22 1.98
CA ARG A 256 -23.15 13.82 1.04
C ARG A 256 -22.39 14.81 0.15
N ASP A 257 -21.39 15.46 0.74
CA ASP A 257 -20.55 16.42 0.02
C ASP A 257 -19.07 16.07 0.20
N PRO A 258 -18.56 15.12 -0.60
CA PRO A 258 -17.18 14.63 -0.41
C PRO A 258 -16.10 15.51 -1.01
N THR A 259 -16.50 16.52 -1.79
CA THR A 259 -15.60 17.38 -2.56
C THR A 259 -14.42 17.95 -1.79
N MET A 260 -14.68 18.57 -0.64
CA MET A 260 -13.60 19.19 0.13
C MET A 260 -12.65 18.15 0.71
N TYR A 261 -13.22 17.04 1.17
CA TYR A 261 -12.42 16.00 1.76
C TYR A 261 -11.48 15.41 0.69
N LEU A 262 -12.09 15.00 -0.41
CA LEU A 262 -11.40 14.43 -1.55
C LEU A 262 -10.22 15.29 -1.96
N ALA A 263 -10.46 16.58 -2.14
CA ALA A 263 -9.41 17.48 -2.57
C ALA A 263 -8.23 17.50 -1.61
N LEU A 264 -8.53 17.46 -0.31
CA LEU A 264 -7.47 17.55 0.67
C LEU A 264 -6.73 16.22 0.80
N ARG A 265 -7.47 15.12 0.79
CA ARG A 265 -6.88 13.80 0.85
C ARG A 265 -5.96 13.61 -0.38
N ASN A 266 -6.50 13.85 -1.58
CA ASN A 266 -5.73 13.82 -2.83
C ASN A 266 -4.48 14.72 -2.77
N LEU A 267 -4.63 15.91 -2.20
CA LEU A 267 -3.50 16.81 -2.00
C LEU A 267 -2.47 16.24 -1.04
N ILE A 268 -2.95 15.62 0.04
CA ILE A 268 -2.06 15.00 1.01
C ILE A 268 -1.27 13.81 0.42
N LEU A 269 -1.92 12.99 -0.39
CA LEU A 269 -1.23 11.86 -0.98
C LEU A 269 -0.20 12.36 -2.01
N ALA A 270 -0.57 13.41 -2.75
CA ALA A 270 0.35 13.98 -3.74
C ALA A 270 1.61 14.50 -3.10
N LEU A 271 1.49 15.14 -1.93
CA LEU A 271 2.64 15.70 -1.22
C LEU A 271 3.52 14.65 -0.55
N TRP A 272 2.90 13.58 -0.03
CA TRP A 272 3.66 12.52 0.60
C TRP A 272 4.58 11.81 -0.42
N TYR A 273 4.01 11.42 -1.55
CA TYR A 273 4.75 10.74 -2.60
C TYR A 273 5.78 11.65 -3.28
N THR A 274 5.50 12.95 -3.27
CA THR A 274 6.43 13.96 -3.76
C THR A 274 7.63 14.08 -2.84
N ASN A 275 7.44 13.81 -1.54
CA ASN A 275 8.59 13.80 -0.65
C ASN A 275 8.47 12.83 0.52
N CYS A 276 8.67 11.55 0.22
CA CYS A 276 8.45 10.50 1.20
C CYS A 276 9.59 10.35 2.19
N LYS A 277 10.55 11.26 2.17
CA LYS A 277 11.70 11.16 3.07
C LYS A 277 11.53 11.99 4.34
N GLU A 278 10.42 12.72 4.42
CA GLU A 278 10.11 13.60 5.55
C GLU A 278 8.70 13.35 6.08
N ALA A 279 8.52 13.58 7.37
CA ALA A 279 7.18 13.62 7.93
C ALA A 279 6.39 14.78 7.32
N LEU A 280 5.28 14.46 6.64
CA LEU A 280 4.34 15.47 6.14
C LEU A 280 3.47 16.04 7.27
N THR A 281 3.54 17.37 7.47
CA THR A 281 2.89 18.04 8.61
C THR A 281 1.88 19.08 8.14
N PRO A 282 0.95 19.51 9.03
CA PRO A 282 0.04 20.58 8.60
C PRO A 282 0.81 21.83 8.18
N GLN A 283 1.89 22.17 8.87
CA GLN A 283 2.74 23.30 8.46
C GLN A 283 3.13 23.25 6.98
N LYS A 284 3.51 22.07 6.47
CA LYS A 284 3.91 21.98 5.07
C LYS A 284 2.76 21.80 4.09
N CYS A 285 1.59 21.40 4.57
CA CYS A 285 0.42 21.36 3.69
C CYS A 285 -0.23 22.73 3.48
N ILE A 286 -0.13 23.61 4.48
CA ILE A 286 -0.89 24.87 4.49
C ILE A 286 -0.61 25.81 3.31
N PRO A 287 0.69 26.11 3.01
CA PRO A 287 0.96 26.98 1.85
C PRO A 287 0.50 26.38 0.52
N HIS A 288 0.10 25.12 0.52
CA HIS A 288 -0.35 24.46 -0.70
C HIS A 288 -1.87 24.42 -0.83
N ILE A 289 -2.56 24.87 0.20
CA ILE A 289 -4.00 25.04 0.13
C ILE A 289 -4.28 26.48 -0.28
N ILE A 290 -4.76 26.65 -1.50
CA ILE A 290 -5.00 27.98 -2.07
C ILE A 290 -6.40 28.02 -2.64
N VAL A 291 -7.29 28.72 -1.92
CA VAL A 291 -8.69 28.85 -2.27
C VAL A 291 -9.19 30.15 -1.63
N ARG A 292 -10.16 30.80 -2.23
CA ARG A 292 -10.61 32.09 -1.72
C ARG A 292 -11.63 31.89 -0.60
N GLY A 293 -11.69 32.88 0.29
CA GLY A 293 -12.78 32.95 1.24
C GLY A 293 -12.51 32.30 2.58
N LEU A 294 -13.52 32.37 3.44
CA LEU A 294 -13.43 31.85 4.80
C LEU A 294 -13.28 30.34 4.78
N VAL A 295 -13.75 29.72 3.70
CA VAL A 295 -13.67 28.27 3.57
C VAL A 295 -12.22 27.79 3.64
N ARG A 296 -11.27 28.66 3.29
CA ARG A 296 -9.87 28.29 3.38
C ARG A 296 -9.49 28.00 4.82
N ILE A 297 -10.07 28.76 5.75
CA ILE A 297 -9.87 28.50 7.16
C ILE A 297 -10.33 27.08 7.51
N ARG A 298 -11.52 26.75 7.04
CA ARG A 298 -12.07 25.41 7.24
C ARG A 298 -11.20 24.34 6.59
N CYS A 299 -10.71 24.61 5.38
CA CYS A 299 -9.80 23.69 4.70
C CYS A 299 -8.54 23.44 5.52
N VAL A 300 -7.90 24.49 6.04
CA VAL A 300 -6.69 24.20 6.84
C VAL A 300 -6.98 23.54 8.18
N GLN A 301 -8.15 23.82 8.75
CA GLN A 301 -8.57 23.13 9.97
C GLN A 301 -8.68 21.63 9.72
N GLU A 302 -9.36 21.25 8.66
CA GLU A 302 -9.55 19.86 8.32
C GLU A 302 -8.27 19.13 7.91
N VAL A 303 -7.37 19.81 7.21
CA VAL A 303 -6.21 19.14 6.62
C VAL A 303 -5.43 18.44 7.74
N GLU A 304 -5.36 19.09 8.89
CA GLU A 304 -4.76 18.48 10.06
C GLU A 304 -5.34 17.12 10.47
N ARG A 305 -6.67 17.01 10.52
CA ARG A 305 -7.33 15.80 10.97
C ARG A 305 -7.19 14.71 9.91
N ILE A 306 -7.25 15.12 8.65
CA ILE A 306 -7.15 14.16 7.55
C ILE A 306 -5.74 13.58 7.52
N LEU A 307 -4.76 14.44 7.78
CA LEU A 307 -3.36 14.06 7.89
C LEU A 307 -3.13 12.96 8.94
N TYR A 308 -3.66 13.17 10.15
CA TYR A 308 -3.46 12.23 11.24
C TYR A 308 -4.18 10.92 10.96
N PHE A 309 -5.34 11.02 10.33
CA PHE A 309 -6.07 9.83 9.93
C PHE A 309 -5.25 8.98 8.92
N MET A 310 -4.77 9.64 7.88
CA MET A 310 -3.95 9.02 6.84
C MET A 310 -2.65 8.48 7.43
N THR A 311 -2.11 9.17 8.42
CA THR A 311 -0.97 8.67 9.16
C THR A 311 -1.33 7.37 9.91
N ARG A 312 -2.38 7.43 10.73
CA ARG A 312 -2.72 6.27 11.56
C ARG A 312 -2.99 5.06 10.70
N LYS A 313 -3.63 5.29 9.57
CA LYS A 313 -4.03 4.23 8.67
C LYS A 313 -2.85 3.66 7.84
N GLY A 314 -1.71 4.34 7.84
CA GLY A 314 -0.54 3.84 7.14
C GLY A 314 -0.40 4.28 5.69
N LEU A 315 -1.15 5.29 5.26
CA LEU A 315 -1.05 5.74 3.87
C LEU A 315 0.11 6.72 3.67
N ILE A 316 0.47 7.46 4.71
CA ILE A 316 1.54 8.45 4.59
C ILE A 316 2.40 8.40 5.84
N ASN A 317 3.53 9.10 5.84
CA ASN A 317 4.38 9.19 7.02
C ASN A 317 4.69 7.81 7.58
N THR A 318 5.09 6.93 6.69
CA THR A 318 5.17 5.52 6.98
C THR A 318 6.44 4.95 6.32
N GLY A 319 6.48 3.64 6.09
CA GLY A 319 7.71 3.03 5.60
C GLY A 319 8.82 3.12 6.64
N VAL A 320 9.98 3.62 6.22
CA VAL A 320 11.18 3.52 7.04
C VAL A 320 11.54 4.87 7.65
N LEU A 321 10.67 5.84 7.39
CA LEU A 321 10.70 7.12 8.08
C LEU A 321 10.84 6.87 9.58
N SER A 322 11.66 7.69 10.22
CA SER A 322 11.98 7.50 11.63
C SER A 322 11.82 8.80 12.40
N VAL A 323 11.33 8.68 13.63
CA VAL A 323 11.21 9.82 14.52
C VAL A 323 11.14 9.38 15.99
N GLY A 324 12.15 9.77 16.76
CA GLY A 324 13.31 10.46 16.21
C GLY A 324 13.31 11.97 16.39
N ALA A 325 13.51 12.42 17.63
CA ALA A 325 13.64 11.53 18.79
C ALA A 325 12.47 11.82 19.73
N ASP A 326 11.74 12.89 19.43
CA ASP A 326 10.67 13.37 20.28
C ASP A 326 9.76 14.26 19.44
N GLN A 327 9.42 13.78 18.24
CA GLN A 327 8.54 14.51 17.34
C GLN A 327 7.51 13.56 16.73
N TYR A 328 6.70 12.96 17.59
CA TYR A 328 5.79 11.90 17.21
C TYR A 328 4.72 12.26 16.16
N LEU A 329 4.18 11.23 15.52
CA LEU A 329 3.36 11.42 14.32
C LEU A 329 1.86 11.52 14.58
N LEU A 330 1.42 11.11 15.76
CA LEU A 330 0.02 11.27 16.18
C LEU A 330 -0.03 12.15 17.43
N PRO A 331 -1.12 12.93 17.59
CA PRO A 331 -1.37 13.81 18.74
C PRO A 331 -1.17 13.09 20.07
N LYS A 332 -0.77 13.81 21.12
CA LYS A 332 -0.43 13.21 22.42
C LYS A 332 -1.50 12.29 23.00
N ASP A 333 -2.73 12.58 22.61
CA ASP A 333 -3.91 11.80 22.96
C ASP A 333 -3.72 10.29 22.70
N TYR A 334 -2.84 9.95 21.77
CA TYR A 334 -2.66 8.55 21.39
C TYR A 334 -1.57 7.88 22.19
N HIS A 335 -0.74 8.67 22.88
CA HIS A 335 0.55 8.20 23.35
C HIS A 335 0.47 7.34 24.59
N ASN A 336 -0.48 7.61 25.46
CA ASN A 336 -0.53 6.86 26.72
C ASN A 336 -1.15 5.49 26.54
N LYS A 337 -0.36 4.58 25.97
CA LYS A 337 -0.78 3.19 25.85
C LYS A 337 0.42 2.31 25.48
N SER A 338 0.37 1.06 25.88
CA SER A 338 1.53 0.19 25.78
C SER A 338 1.23 -1.12 25.08
N VAL A 339 2.13 -1.54 24.19
CA VAL A 339 1.92 -2.82 23.53
C VAL A 339 3.16 -3.71 23.49
N ILE A 340 2.93 -5.01 23.59
CA ILE A 340 3.99 -5.97 23.36
C ILE A 340 3.75 -6.64 22.00
N ILE A 341 4.77 -6.71 21.17
CA ILE A 341 4.69 -7.38 19.88
C ILE A 341 5.52 -8.64 19.91
N ILE A 342 4.95 -9.74 19.47
CA ILE A 342 5.65 -11.00 19.49
C ILE A 342 6.08 -11.39 18.09
N GLY A 343 7.40 -11.44 17.89
CA GLY A 343 8.00 -11.75 16.60
C GLY A 343 8.58 -10.49 15.97
N ALA A 344 9.83 -10.58 15.56
CA ALA A 344 10.49 -9.45 14.91
C ALA A 344 10.79 -9.70 13.44
N GLY A 345 9.83 -10.30 12.74
CA GLY A 345 9.88 -10.37 11.29
C GLY A 345 9.28 -9.10 10.72
N PRO A 346 9.11 -9.05 9.40
CA PRO A 346 8.54 -7.86 8.76
C PRO A 346 7.19 -7.35 9.37
N ALA A 347 6.26 -8.25 9.68
CA ALA A 347 4.99 -7.83 10.28
C ALA A 347 5.22 -7.19 11.65
N GLY A 348 6.02 -7.87 12.47
CA GLY A 348 6.31 -7.43 13.82
C GLY A 348 6.97 -6.08 13.82
N LEU A 349 8.00 -5.94 12.99
CA LEU A 349 8.71 -4.67 12.88
C LEU A 349 7.91 -3.56 12.21
N ALA A 350 7.06 -3.89 11.24
CA ALA A 350 6.22 -2.85 10.64
C ALA A 350 5.29 -2.23 11.71
N ALA A 351 4.61 -3.09 12.48
CA ALA A 351 3.72 -2.60 13.52
C ALA A 351 4.50 -1.87 14.61
N ALA A 352 5.67 -2.38 14.96
CA ALA A 352 6.51 -1.76 15.96
C ALA A 352 6.98 -0.40 15.50
N ARG A 353 7.44 -0.32 14.24
CA ARG A 353 7.86 0.96 13.68
C ARG A 353 6.74 2.01 13.68
N GLN A 354 5.56 1.62 13.19
CA GLN A 354 4.38 2.49 13.17
C GLN A 354 4.02 2.98 14.58
N LEU A 355 3.84 2.03 15.49
CA LEU A 355 3.39 2.36 16.83
C LEU A 355 4.41 3.25 17.55
N HIS A 356 5.69 2.93 17.40
CA HIS A 356 6.73 3.78 17.95
C HIS A 356 6.66 5.18 17.35
N ASN A 357 6.52 5.27 16.03
CA ASN A 357 6.38 6.56 15.37
C ASN A 357 5.14 7.36 15.82
N PHE A 358 4.09 6.65 16.20
CA PHE A 358 2.87 7.29 16.65
C PHE A 358 3.08 7.96 18.03
N GLY A 359 4.01 7.45 18.82
CA GLY A 359 4.22 7.92 20.18
C GLY A 359 3.81 6.88 21.20
N ILE A 360 3.40 5.72 20.71
CA ILE A 360 2.95 4.62 21.57
C ILE A 360 4.14 3.85 22.13
N LYS A 361 3.96 3.26 23.33
CA LYS A 361 5.01 2.48 23.98
C LYS A 361 5.06 1.03 23.47
N VAL A 362 6.21 0.62 22.97
CA VAL A 362 6.34 -0.66 22.28
C VAL A 362 7.54 -1.46 22.73
N THR A 363 7.30 -2.71 23.10
CA THR A 363 8.37 -3.67 23.36
C THR A 363 8.20 -4.85 22.42
N VAL A 364 9.27 -5.32 21.80
CA VAL A 364 9.17 -6.53 20.98
C VAL A 364 9.99 -7.70 21.49
N LEU A 365 9.38 -8.87 21.49
CA LEU A 365 9.97 -10.11 21.98
C LEU A 365 10.15 -11.07 20.81
N GLU A 366 11.40 -11.45 20.57
CA GLU A 366 11.74 -12.30 19.43
C GLU A 366 12.38 -13.59 19.92
N ALA A 367 11.86 -14.73 19.45
CA ALA A 367 12.38 -16.06 19.81
C ALA A 367 13.87 -16.28 19.52
N LYS A 368 14.32 -15.93 18.33
CA LYS A 368 15.68 -16.21 17.88
C LYS A 368 16.67 -15.18 18.35
N ASP A 369 17.91 -15.37 17.91
CA ASP A 369 19.02 -14.50 18.28
C ASP A 369 19.25 -13.43 17.22
N ARG A 370 18.24 -13.22 16.37
CA ARG A 370 18.30 -12.16 15.36
C ARG A 370 16.91 -11.72 14.93
N ILE A 371 16.84 -10.56 14.27
CA ILE A 371 15.59 -10.02 13.74
C ILE A 371 15.50 -10.39 12.26
N GLY A 372 14.30 -10.27 11.69
CA GLY A 372 14.10 -10.54 10.28
C GLY A 372 13.15 -11.70 9.96
N GLY A 373 13.11 -12.70 10.83
CA GLY A 373 12.32 -13.90 10.57
C GLY A 373 12.69 -14.56 9.25
N ARG A 374 11.76 -14.60 8.30
CA ARG A 374 12.05 -15.25 7.02
C ARG A 374 12.83 -14.35 6.06
N VAL A 375 13.17 -13.15 6.53
CA VAL A 375 14.20 -12.32 5.89
C VAL A 375 15.53 -12.58 6.60
N TRP A 376 16.48 -13.15 5.87
CA TRP A 376 17.79 -13.48 6.41
C TRP A 376 18.78 -13.51 5.25
N ASP A 377 19.59 -12.47 5.14
CA ASP A 377 20.49 -12.28 4.00
C ASP A 377 21.93 -12.79 4.26
N ASP A 378 22.54 -13.43 3.26
CA ASP A 378 23.95 -13.82 3.32
C ASP A 378 24.78 -12.76 2.60
N LYS A 379 25.68 -12.12 3.34
CA LYS A 379 26.46 -11.04 2.76
C LYS A 379 27.91 -11.47 2.50
N SER A 380 28.18 -12.76 2.67
CA SER A 380 29.55 -13.27 2.61
C SER A 380 29.99 -13.64 1.19
N PHE A 381 29.07 -13.51 0.24
CA PHE A 381 29.40 -13.71 -1.17
C PHE A 381 30.07 -12.46 -1.72
N LYS A 382 31.04 -12.64 -2.60
CA LYS A 382 31.76 -11.52 -3.20
C LYS A 382 30.86 -10.59 -4.03
N GLY A 383 30.70 -9.35 -3.55
CA GLY A 383 30.07 -8.27 -4.30
C GLY A 383 28.58 -8.41 -4.53
N VAL A 384 27.95 -9.23 -3.71
CA VAL A 384 26.55 -9.53 -3.92
C VAL A 384 25.90 -9.96 -2.61
N THR A 385 24.61 -9.68 -2.46
CA THR A 385 23.86 -10.13 -1.30
C THR A 385 22.84 -11.16 -1.75
N VAL A 386 22.79 -12.27 -1.05
CA VAL A 386 21.88 -13.37 -1.39
C VAL A 386 20.97 -13.68 -0.23
N GLY A 387 19.66 -13.57 -0.46
CA GLY A 387 18.73 -13.93 0.60
C GLY A 387 18.63 -15.43 0.75
N ARG A 388 18.70 -15.91 1.98
CA ARG A 388 18.34 -17.29 2.27
C ARG A 388 16.83 -17.42 2.31
N GLY A 389 16.16 -16.31 2.60
CA GLY A 389 14.71 -16.28 2.56
C GLY A 389 14.28 -15.38 1.42
N ALA A 390 13.40 -14.44 1.74
CA ALA A 390 12.84 -13.54 0.73
C ALA A 390 13.88 -12.65 0.06
N GLN A 391 13.69 -12.37 -1.23
CA GLN A 391 14.50 -11.36 -1.94
C GLN A 391 13.80 -10.74 -3.19
N ILE A 392 12.65 -11.24 -3.55
CA ILE A 392 11.96 -10.72 -4.72
C ILE A 392 10.81 -9.80 -4.27
N VAL A 393 10.54 -8.76 -5.03
CA VAL A 393 9.37 -7.93 -4.84
C VAL A 393 8.39 -8.22 -5.96
N ASN A 394 7.25 -8.80 -5.61
CA ASN A 394 6.25 -9.17 -6.62
C ASN A 394 5.25 -8.03 -6.86
N GLY A 395 5.59 -7.12 -7.78
CA GLY A 395 4.68 -6.07 -8.22
C GLY A 395 4.98 -4.77 -7.48
N CYS A 396 5.82 -3.95 -8.08
CA CYS A 396 6.36 -2.79 -7.38
C CYS A 396 5.46 -1.56 -7.38
N ILE A 397 4.42 -1.55 -8.21
CA ILE A 397 3.55 -0.38 -8.27
C ILE A 397 2.77 -0.24 -6.95
N ASN A 398 3.00 0.90 -6.28
CA ASN A 398 2.36 1.21 -4.98
C ASN A 398 2.80 0.25 -3.88
N ASN A 399 3.84 -0.53 -4.15
CA ASN A 399 4.36 -1.49 -3.18
C ASN A 399 5.12 -0.70 -2.11
N PRO A 400 4.76 -0.91 -0.84
CA PRO A 400 5.49 -0.25 0.25
C PRO A 400 7.00 -0.59 0.26
N VAL A 401 7.39 -1.73 -0.32
CA VAL A 401 8.82 -2.03 -0.47
C VAL A 401 9.47 -1.04 -1.45
N ALA A 402 8.79 -0.72 -2.53
CA ALA A 402 9.27 0.30 -3.46
C ALA A 402 9.37 1.67 -2.81
N LEU A 403 8.37 2.02 -2.01
CA LEU A 403 8.42 3.28 -1.27
C LEU A 403 9.63 3.29 -0.34
N MET A 404 9.80 2.20 0.41
CA MET A 404 10.94 2.10 1.32
C MET A 404 12.31 2.16 0.61
N CYS A 405 12.41 1.56 -0.58
CA CYS A 405 13.64 1.70 -1.38
C CYS A 405 13.91 3.16 -1.77
N GLU A 406 12.86 3.89 -2.13
CA GLU A 406 12.94 5.33 -2.42
C GLU A 406 13.51 6.08 -1.24
N GLN A 407 12.98 5.79 -0.05
CA GLN A 407 13.39 6.46 1.18
C GLN A 407 14.85 6.19 1.52
N LEU A 408 15.34 5.00 1.16
CA LEU A 408 16.70 4.62 1.51
C LEU A 408 17.68 4.89 0.36
N GLY A 409 17.17 5.19 -0.82
CA GLY A 409 18.02 5.45 -1.97
C GLY A 409 18.56 4.16 -2.55
N ILE A 410 17.77 3.11 -2.43
CA ILE A 410 18.11 1.76 -2.87
C ILE A 410 17.58 1.52 -4.28
N SER A 411 18.38 0.88 -5.13
CA SER A 411 17.89 0.51 -6.46
C SER A 411 17.47 -0.95 -6.50
N MET A 412 16.51 -1.28 -7.36
CA MET A 412 16.04 -2.65 -7.49
C MET A 412 16.18 -3.10 -8.92
N HIS A 413 16.50 -4.36 -9.15
CA HIS A 413 16.63 -4.83 -10.51
C HIS A 413 15.37 -5.50 -11.04
N LYS A 414 14.78 -4.87 -12.04
CA LYS A 414 13.63 -5.38 -12.74
C LYS A 414 13.95 -6.64 -13.55
N PHE A 415 13.22 -7.71 -13.29
CA PHE A 415 13.45 -8.96 -14.02
C PHE A 415 13.00 -8.84 -15.46
N GLY A 416 13.84 -9.28 -16.39
CA GLY A 416 13.44 -9.46 -17.77
C GLY A 416 12.50 -10.65 -17.92
N GLU A 417 11.80 -10.70 -19.04
CA GLU A 417 10.78 -11.74 -19.28
C GLU A 417 11.35 -13.12 -19.61
N ARG A 418 12.46 -13.15 -20.34
CA ARG A 418 12.99 -14.40 -20.92
C ARG A 418 13.41 -15.46 -19.88
N CYS A 419 12.87 -16.65 -20.02
CA CYS A 419 13.31 -17.76 -19.20
C CYS A 419 13.24 -19.02 -20.06
N ASP A 420 14.37 -19.36 -20.69
CA ASP A 420 14.43 -20.50 -21.61
C ASP A 420 14.30 -21.79 -20.82
N LEU A 421 13.58 -22.74 -21.38
CA LEU A 421 13.42 -24.03 -20.74
C LEU A 421 14.50 -24.99 -21.24
N ILE A 422 15.57 -25.13 -20.44
CA ILE A 422 16.70 -25.95 -20.85
C ILE A 422 16.50 -27.39 -20.40
N GLN A 423 16.68 -28.33 -21.33
CA GLN A 423 16.59 -29.75 -21.01
C GLN A 423 17.94 -30.28 -20.53
N GLU A 424 17.91 -31.37 -19.77
CA GLU A 424 19.06 -32.24 -19.70
C GLU A 424 19.03 -33.00 -21.03
N GLY A 425 20.11 -32.91 -21.81
CA GLY A 425 21.28 -32.14 -21.45
C GLY A 425 21.74 -31.14 -22.50
N GLY A 426 21.41 -29.86 -22.27
CA GLY A 426 21.96 -28.77 -23.04
C GLY A 426 21.02 -28.09 -23.99
N ARG A 427 20.08 -28.86 -24.54
CA ARG A 427 19.15 -28.41 -25.57
C ARG A 427 18.10 -27.41 -25.04
N ILE A 428 18.01 -26.25 -25.68
CA ILE A 428 16.99 -25.28 -25.32
C ILE A 428 15.68 -25.68 -25.99
N THR A 429 14.61 -25.78 -25.20
CA THR A 429 13.33 -26.25 -25.72
C THR A 429 12.88 -25.33 -26.84
N ASP A 430 12.46 -25.94 -27.95
CA ASP A 430 12.03 -25.17 -29.12
C ASP A 430 10.72 -24.39 -28.88
N PRO A 431 10.68 -23.15 -29.39
CA PRO A 431 9.52 -22.26 -29.38
C PRO A 431 8.16 -22.93 -29.62
N THR A 432 7.99 -23.71 -30.68
CA THR A 432 6.66 -24.21 -30.95
C THR A 432 6.26 -25.24 -29.89
N ILE A 433 7.25 -25.94 -29.35
CA ILE A 433 6.97 -26.90 -28.29
C ILE A 433 6.60 -26.16 -26.99
N ASP A 434 7.41 -25.16 -26.69
CA ASP A 434 7.23 -24.28 -25.55
C ASP A 434 5.87 -23.58 -25.60
N LYS A 435 5.60 -22.89 -26.70
CA LYS A 435 4.33 -22.19 -26.88
C LYS A 435 3.14 -23.15 -26.75
N ARG A 436 3.25 -24.30 -27.40
CA ARG A 436 2.20 -25.29 -27.38
C ARG A 436 1.87 -25.78 -25.99
N MET A 437 2.89 -26.14 -25.21
CA MET A 437 2.62 -26.69 -23.89
C MET A 437 2.19 -25.62 -22.88
N ASP A 438 2.64 -24.38 -23.10
CA ASP A 438 2.18 -23.25 -22.31
C ASP A 438 0.68 -23.09 -22.53
N PHE A 439 0.27 -23.11 -23.80
CA PHE A 439 -1.15 -23.06 -24.12
C PHE A 439 -1.91 -24.14 -23.38
N HIS A 440 -1.44 -25.39 -23.46
CA HIS A 440 -2.17 -26.50 -22.86
C HIS A 440 -2.20 -26.50 -21.32
N PHE A 441 -1.11 -26.08 -20.68
CA PHE A 441 -1.05 -25.98 -19.22
C PHE A 441 -2.07 -24.94 -18.72
N ASN A 442 -2.08 -23.77 -19.33
CA ASN A 442 -3.02 -22.73 -18.95
C ASN A 442 -4.48 -23.08 -19.25
N ALA A 443 -4.71 -23.87 -20.29
CA ALA A 443 -6.05 -24.36 -20.58
C ALA A 443 -6.57 -25.31 -19.51
N LEU A 444 -5.69 -26.13 -18.94
CA LEU A 444 -6.10 -26.98 -17.82
C LEU A 444 -6.53 -26.14 -16.63
N LEU A 445 -5.81 -25.04 -16.38
CA LEU A 445 -6.18 -24.14 -15.30
C LEU A 445 -7.52 -23.47 -15.58
N ASP A 446 -7.78 -23.18 -16.86
CA ASP A 446 -9.07 -22.60 -17.27
C ASP A 446 -10.21 -23.52 -16.86
N VAL A 447 -10.04 -24.82 -17.07
CA VAL A 447 -11.14 -25.74 -16.79
C VAL A 447 -11.25 -26.04 -15.30
N VAL A 448 -10.14 -25.98 -14.58
CA VAL A 448 -10.21 -26.04 -13.12
C VAL A 448 -11.12 -24.91 -12.63
N SER A 449 -10.91 -23.74 -13.21
CA SER A 449 -11.67 -22.54 -12.91
C SER A 449 -13.14 -22.67 -13.28
N GLU A 450 -13.40 -23.43 -14.34
CA GLU A 450 -14.76 -23.66 -14.79
C GLU A 450 -15.42 -24.67 -13.87
N TRP A 451 -14.68 -25.72 -13.54
CA TRP A 451 -15.20 -26.75 -12.65
C TRP A 451 -15.57 -26.23 -11.24
N ARG A 452 -14.74 -25.35 -10.67
CA ARG A 452 -14.93 -24.94 -9.28
C ARG A 452 -16.09 -23.97 -9.10
N LYS A 453 -16.61 -23.45 -10.19
CA LYS A 453 -17.52 -22.30 -10.14
C LYS A 453 -18.66 -22.39 -9.13
N ASP A 454 -19.35 -23.54 -9.10
CA ASP A 454 -20.43 -23.70 -8.14
C ASP A 454 -20.11 -24.70 -7.03
N LYS A 455 -18.86 -24.81 -6.62
CA LYS A 455 -18.54 -25.84 -5.63
C LYS A 455 -18.41 -25.28 -4.21
N THR A 456 -18.78 -26.10 -3.23
CA THR A 456 -18.60 -25.75 -1.82
C THR A 456 -17.28 -26.31 -1.30
N GLN A 457 -16.90 -25.88 -0.10
CA GLN A 457 -15.67 -26.36 0.55
C GLN A 457 -15.64 -27.88 0.67
N LEU A 458 -16.79 -28.47 0.98
CA LEU A 458 -16.87 -29.92 1.15
C LEU A 458 -16.65 -30.64 -0.16
N GLN A 459 -16.86 -29.94 -1.27
CA GLN A 459 -16.66 -30.57 -2.56
C GLN A 459 -15.26 -30.35 -3.14
N ASP A 460 -14.41 -29.63 -2.40
CA ASP A 460 -13.08 -29.27 -2.90
C ASP A 460 -12.26 -30.53 -3.13
N VAL A 461 -11.39 -30.48 -4.13
CA VAL A 461 -10.43 -31.55 -4.37
C VAL A 461 -9.05 -30.92 -4.56
N PRO A 462 -7.98 -31.72 -4.40
CA PRO A 462 -6.65 -31.13 -4.58
C PRO A 462 -6.45 -30.64 -6.01
N LEU A 463 -5.83 -29.48 -6.15
CA LEU A 463 -5.52 -28.92 -7.45
C LEU A 463 -4.78 -29.91 -8.34
N GLY A 464 -3.76 -30.58 -7.79
CA GLY A 464 -3.00 -31.56 -8.56
C GLY A 464 -3.84 -32.70 -9.11
N GLU A 465 -4.75 -33.20 -8.27
CA GLU A 465 -5.63 -34.31 -8.62
C GLU A 465 -6.63 -33.88 -9.70
N LYS A 466 -7.18 -32.67 -9.56
CA LYS A 466 -8.12 -32.14 -10.52
C LYS A 466 -7.49 -31.90 -11.90
N ILE A 467 -6.28 -31.35 -11.90
CA ILE A 467 -5.55 -31.14 -13.14
C ILE A 467 -5.29 -32.45 -13.87
N GLU A 468 -4.87 -33.47 -13.11
CA GLU A 468 -4.65 -34.81 -13.65
C GLU A 468 -5.94 -35.35 -14.26
N GLU A 469 -7.04 -35.18 -13.55
CA GLU A 469 -8.34 -35.65 -14.00
C GLU A 469 -8.75 -35.04 -15.35
N ILE A 470 -8.53 -33.73 -15.51
CA ILE A 470 -8.91 -33.05 -16.73
C ILE A 470 -7.96 -33.41 -17.86
N TYR A 471 -6.68 -33.55 -17.53
CA TYR A 471 -5.67 -33.90 -18.51
C TYR A 471 -5.93 -35.29 -19.09
N LYS A 472 -6.29 -36.25 -18.24
CA LYS A 472 -6.55 -37.61 -18.70
C LYS A 472 -7.76 -37.67 -19.63
N ALA A 473 -8.85 -37.01 -19.23
CA ALA A 473 -10.05 -36.94 -20.05
C ALA A 473 -9.80 -36.15 -21.35
N PHE A 474 -8.76 -35.31 -21.35
CA PHE A 474 -8.39 -34.58 -22.56
C PHE A 474 -7.70 -35.48 -23.59
N ILE A 475 -6.73 -36.28 -23.15
CA ILE A 475 -6.08 -37.23 -24.05
C ILE A 475 -7.10 -38.26 -24.56
N LYS A 476 -8.01 -38.65 -23.68
CA LYS A 476 -9.12 -39.53 -24.02
C LYS A 476 -10.00 -38.91 -25.11
N GLU A 477 -10.76 -37.87 -24.75
CA GLU A 477 -11.71 -37.20 -25.63
C GLU A 477 -11.16 -36.79 -26.99
N SER A 478 -9.90 -36.37 -27.00
CA SER A 478 -9.24 -35.96 -28.24
C SER A 478 -8.07 -36.89 -28.59
N GLY A 479 -7.50 -37.52 -27.57
CA GLY A 479 -6.37 -38.40 -27.77
C GLY A 479 -5.35 -37.78 -28.70
N ILE A 480 -4.66 -36.75 -28.20
CA ILE A 480 -3.60 -36.10 -28.95
C ILE A 480 -2.27 -36.30 -28.22
N GLN A 481 -1.75 -37.51 -28.27
CA GLN A 481 -0.51 -37.87 -27.57
C GLN A 481 0.56 -36.80 -27.62
N PHE A 482 1.13 -36.50 -26.45
CA PHE A 482 2.22 -35.57 -26.34
C PHE A 482 3.46 -36.42 -26.28
N SER A 483 4.53 -35.90 -26.83
CA SER A 483 5.82 -36.58 -26.73
C SER A 483 6.27 -36.57 -25.28
N GLU A 484 7.34 -37.31 -25.00
CA GLU A 484 7.83 -37.44 -23.63
C GLU A 484 8.26 -36.08 -23.13
N LEU A 485 8.92 -35.34 -24.02
CA LEU A 485 9.40 -34.01 -23.78
C LEU A 485 8.27 -33.02 -23.52
N GLU A 486 7.19 -33.14 -24.29
CA GLU A 486 6.02 -32.30 -24.07
C GLU A 486 5.43 -32.53 -22.67
N GLY A 487 5.36 -33.80 -22.25
CA GLY A 487 4.99 -34.16 -20.89
C GLY A 487 5.88 -33.51 -19.83
N GLN A 488 7.18 -33.49 -20.08
CA GLN A 488 8.13 -32.96 -19.11
C GLN A 488 8.05 -31.45 -19.01
N VAL A 489 7.88 -30.77 -20.14
CA VAL A 489 7.66 -29.34 -20.15
C VAL A 489 6.40 -28.99 -19.34
N LEU A 490 5.39 -29.85 -19.42
CA LEU A 490 4.19 -29.66 -18.65
C LEU A 490 4.51 -29.80 -17.17
N GLN A 491 5.36 -30.76 -16.84
CA GLN A 491 5.85 -30.95 -15.49
C GLN A 491 6.53 -29.72 -14.96
N PHE A 492 7.21 -28.96 -15.82
CA PHE A 492 7.84 -27.74 -15.38
C PHE A 492 6.81 -26.72 -14.89
N HIS A 493 5.69 -26.62 -15.60
CA HIS A 493 4.65 -25.65 -15.20
C HIS A 493 3.97 -26.08 -13.90
N LEU A 494 3.72 -27.37 -13.76
CA LEU A 494 3.15 -27.91 -12.52
C LEU A 494 4.05 -27.60 -11.33
N SER A 495 5.34 -27.79 -11.55
CA SER A 495 6.33 -27.53 -10.53
C SER A 495 6.38 -26.03 -10.18
N ASN A 496 6.18 -25.16 -11.17
CA ASN A 496 6.18 -23.72 -10.94
C ASN A 496 5.03 -23.30 -10.03
N LEU A 497 3.93 -24.03 -10.09
CA LEU A 497 2.80 -23.85 -9.19
C LEU A 497 3.14 -24.34 -7.78
N GLU A 498 3.94 -25.38 -7.69
CA GLU A 498 4.31 -25.89 -6.37
C GLU A 498 5.26 -24.94 -5.66
N TYR A 499 6.11 -24.30 -6.44
CA TYR A 499 6.98 -23.26 -5.94
C TYR A 499 6.13 -22.09 -5.40
N ALA A 500 5.13 -21.68 -6.17
CA ALA A 500 4.26 -20.56 -5.81
C ALA A 500 3.47 -20.86 -4.53
N CYS A 501 3.00 -22.09 -4.41
CA CYS A 501 2.21 -22.44 -3.25
C CYS A 501 3.02 -22.93 -2.05
N GLY A 502 4.29 -23.28 -2.27
CA GLY A 502 5.08 -23.89 -1.22
C GLY A 502 4.58 -25.28 -0.87
N SER A 503 3.95 -25.94 -1.83
CA SER A 503 3.36 -27.25 -1.56
C SER A 503 3.25 -28.13 -2.79
N ASN A 504 3.42 -29.42 -2.57
CA ASN A 504 3.00 -30.44 -3.51
C ASN A 504 1.54 -30.14 -3.88
N LEU A 505 1.20 -30.30 -5.16
CA LEU A 505 -0.14 -29.91 -5.65
C LEU A 505 -1.23 -30.76 -5.05
N HIS A 506 -0.89 -31.92 -4.54
CA HIS A 506 -1.87 -32.78 -3.95
C HIS A 506 -2.42 -32.33 -2.64
N GLN A 507 -1.86 -31.24 -2.14
CA GLN A 507 -2.32 -30.66 -0.88
C GLN A 507 -2.89 -29.24 -1.02
N VAL A 508 -2.90 -28.70 -2.24
CA VAL A 508 -3.44 -27.34 -2.41
C VAL A 508 -4.86 -27.34 -2.98
N SER A 509 -5.67 -26.41 -2.47
CA SER A 509 -7.09 -26.35 -2.84
C SER A 509 -7.31 -25.94 -4.30
N ALA A 510 -7.93 -26.81 -5.08
CA ALA A 510 -8.41 -26.44 -6.43
C ALA A 510 -9.32 -25.23 -6.37
N ARG A 511 -10.25 -25.24 -5.41
CA ARG A 511 -11.16 -24.10 -5.24
C ARG A 511 -10.46 -22.79 -4.91
N SER A 512 -9.48 -22.86 -4.01
CA SER A 512 -8.99 -21.64 -3.35
C SER A 512 -7.51 -21.28 -3.56
N TRP A 513 -6.79 -22.06 -4.36
CA TRP A 513 -5.34 -21.84 -4.53
C TRP A 513 -4.96 -20.40 -4.88
N ASP A 514 -5.76 -19.75 -5.72
CA ASP A 514 -5.52 -18.36 -6.14
C ASP A 514 -6.57 -17.38 -5.59
N HIS A 515 -7.15 -17.70 -4.43
CA HIS A 515 -8.24 -16.93 -3.83
C HIS A 515 -7.94 -15.44 -3.72
N ASN A 516 -6.68 -15.10 -3.45
CA ASN A 516 -6.35 -13.68 -3.24
C ASN A 516 -6.63 -12.80 -4.45
N GLU A 517 -6.63 -13.37 -5.65
CA GLU A 517 -6.80 -12.55 -6.87
C GLU A 517 -8.21 -11.96 -7.03
N PHE A 518 -9.14 -12.38 -6.17
CA PHE A 518 -10.41 -11.68 -5.97
C PHE A 518 -10.18 -10.20 -5.66
N PHE A 519 -9.10 -9.91 -4.94
CA PHE A 519 -8.81 -8.54 -4.59
C PHE A 519 -7.76 -7.99 -5.54
N ALA A 520 -7.76 -6.67 -5.76
CA ALA A 520 -6.74 -6.02 -6.57
C ALA A 520 -5.31 -6.32 -6.05
N GLN A 521 -4.44 -6.75 -6.96
CA GLN A 521 -3.09 -7.19 -6.65
C GLN A 521 -2.06 -6.16 -7.07
N PHE A 522 -0.81 -6.34 -6.61
CA PHE A 522 0.23 -5.37 -6.93
C PHE A 522 0.64 -5.45 -8.39
N ALA A 523 0.60 -4.32 -9.08
CA ALA A 523 0.82 -4.30 -10.52
C ALA A 523 2.28 -4.01 -10.85
N GLY A 524 2.64 -4.22 -12.11
CA GLY A 524 3.94 -3.77 -12.60
C GLY A 524 5.07 -4.73 -12.22
N ASP A 525 6.29 -4.19 -12.20
CA ASP A 525 7.52 -5.00 -12.18
C ASP A 525 7.69 -5.95 -10.99
N HIS A 526 8.20 -7.14 -11.26
CA HIS A 526 8.86 -7.91 -10.24
C HIS A 526 10.34 -7.57 -10.29
N THR A 527 10.93 -7.36 -9.13
CA THR A 527 12.31 -6.98 -9.06
C THR A 527 13.05 -7.85 -8.07
N LEU A 528 14.36 -7.92 -8.26
CA LEU A 528 15.25 -8.53 -7.31
C LEU A 528 15.67 -7.41 -6.38
N LEU A 529 15.51 -7.62 -5.09
CA LEU A 529 15.95 -6.63 -4.13
C LEU A 529 17.45 -6.77 -3.87
N THR A 530 18.25 -6.04 -4.67
CA THR A 530 19.69 -6.30 -4.72
C THR A 530 20.45 -6.13 -3.41
N PRO A 531 20.17 -5.07 -2.62
CA PRO A 531 20.83 -5.08 -1.30
C PRO A 531 20.24 -6.07 -0.29
N GLY A 532 19.13 -6.72 -0.64
CA GLY A 532 18.47 -7.64 0.27
C GLY A 532 17.45 -6.94 1.15
N TYR A 533 16.44 -7.68 1.59
CA TYR A 533 15.40 -7.15 2.49
C TYR A 533 15.95 -6.77 3.86
N SER A 534 17.12 -7.30 4.23
CA SER A 534 17.68 -7.02 5.57
C SER A 534 17.99 -5.53 5.78
N VAL A 535 18.26 -4.82 4.69
CA VAL A 535 18.47 -3.40 4.78
C VAL A 535 17.20 -2.71 5.27
N ILE A 536 16.06 -3.15 4.76
CA ILE A 536 14.78 -2.59 5.18
C ILE A 536 14.44 -3.02 6.59
N ILE A 537 14.57 -4.32 6.85
CA ILE A 537 14.41 -4.90 8.18
C ILE A 537 15.22 -4.16 9.24
N GLU A 538 16.50 -3.91 8.96
CA GLU A 538 17.37 -3.22 9.91
C GLU A 538 16.92 -1.77 10.17
N LYS A 539 16.56 -1.04 9.11
CA LYS A 539 16.10 0.33 9.29
C LYS A 539 14.78 0.43 10.05
N LEU A 540 13.84 -0.48 9.78
CA LEU A 540 12.59 -0.52 10.54
C LEU A 540 12.83 -0.77 12.02
N ALA A 541 13.83 -1.60 12.36
CA ALA A 541 14.11 -1.98 13.76
C ALA A 541 14.92 -0.92 14.52
N GLU A 542 15.56 -0.04 13.76
CA GLU A 542 16.52 0.93 14.31
C GLU A 542 15.90 1.81 15.42
N GLY A 543 16.34 1.60 16.64
CA GLY A 543 15.90 2.41 17.75
C GLY A 543 14.80 1.79 18.59
N LEU A 544 14.22 0.69 18.12
CA LEU A 544 13.14 0.04 18.87
C LEU A 544 13.70 -0.79 20.03
N ASP A 545 12.87 -1.01 21.04
CA ASP A 545 13.21 -1.96 22.09
C ASP A 545 12.84 -3.38 21.67
N ILE A 546 13.88 -4.13 21.29
CA ILE A 546 13.70 -5.51 20.87
C ILE A 546 14.50 -6.45 21.75
N GLN A 547 13.79 -7.37 22.38
CA GLN A 547 14.38 -8.41 23.18
C GLN A 547 14.54 -9.69 22.36
N LEU A 548 15.79 -10.05 22.10
CA LEU A 548 16.15 -11.27 21.39
C LEU A 548 16.21 -12.48 22.33
N LYS A 549 16.31 -13.67 21.74
CA LYS A 549 16.30 -14.93 22.48
C LYS A 549 15.25 -14.93 23.57
N SER A 550 14.10 -14.35 23.27
CA SER A 550 12.98 -14.32 24.20
C SER A 550 11.74 -14.99 23.63
N PRO A 551 11.76 -16.32 23.50
CA PRO A 551 10.58 -17.01 22.95
C PRO A 551 9.42 -16.82 23.92
N VAL A 552 8.27 -16.40 23.44
CA VAL A 552 7.08 -16.33 24.28
C VAL A 552 6.47 -17.70 24.40
N GLN A 553 6.06 -18.07 25.61
CA GLN A 553 5.47 -19.37 25.88
C GLN A 553 4.01 -19.26 26.29
N CYS A 554 3.65 -18.17 26.93
CA CYS A 554 2.29 -18.00 27.43
C CYS A 554 1.87 -16.55 27.30
N ILE A 555 0.59 -16.36 26.99
CA ILE A 555 -0.01 -15.03 26.92
C ILE A 555 -1.30 -15.07 27.72
N ASP A 556 -1.37 -14.26 28.77
CA ASP A 556 -2.56 -14.25 29.61
C ASP A 556 -3.24 -12.90 29.49
N TYR A 557 -4.46 -12.92 28.96
CA TYR A 557 -5.22 -11.70 28.80
C TYR A 557 -6.51 -11.86 29.57
N SER A 558 -6.38 -12.44 30.77
CA SER A 558 -7.50 -12.65 31.71
C SER A 558 -7.68 -11.45 32.65
N GLY A 559 -6.59 -10.77 32.97
CA GLY A 559 -6.64 -9.65 33.90
C GLY A 559 -6.94 -8.30 33.28
N ASP A 560 -6.52 -7.25 33.99
CA ASP A 560 -6.68 -5.86 33.55
C ASP A 560 -5.79 -5.52 32.37
N GLU A 561 -4.58 -6.08 32.39
CA GLU A 561 -3.74 -5.99 31.21
C GLU A 561 -3.12 -7.34 30.91
N VAL A 562 -2.46 -7.46 29.77
CA VAL A 562 -1.94 -8.76 29.35
C VAL A 562 -0.60 -9.07 30.01
N GLN A 563 -0.43 -10.32 30.41
CA GLN A 563 0.84 -10.80 30.94
C GLN A 563 1.39 -11.82 29.97
N VAL A 564 2.62 -11.58 29.55
CA VAL A 564 3.28 -12.43 28.56
C VAL A 564 4.50 -13.01 29.25
N THR A 565 4.72 -14.31 29.08
CA THR A 565 5.82 -14.99 29.76
C THR A 565 6.69 -15.74 28.77
N THR A 566 8.00 -15.53 28.85
CA THR A 566 8.93 -16.21 27.94
C THR A 566 9.17 -17.66 28.38
N THR A 567 9.96 -18.40 27.62
CA THR A 567 10.22 -19.82 27.95
C THR A 567 11.13 -19.97 29.18
N ASP A 568 11.85 -18.91 29.55
CA ASP A 568 12.67 -18.97 30.76
C ASP A 568 11.97 -18.34 31.99
N GLY A 569 10.73 -17.92 31.81
CA GLY A 569 9.94 -17.42 32.93
C GLY A 569 9.88 -15.92 33.09
N THR A 570 10.69 -15.19 32.32
CA THR A 570 10.66 -13.73 32.36
C THR A 570 9.27 -13.19 31.99
N GLY A 571 8.79 -12.22 32.76
CA GLY A 571 7.47 -11.66 32.57
C GLY A 571 7.51 -10.27 31.95
N TYR A 572 6.51 -9.97 31.14
CA TYR A 572 6.33 -8.64 30.55
C TYR A 572 4.85 -8.33 30.61
N SER A 573 4.49 -7.06 30.74
CA SER A 573 3.08 -6.71 30.75
C SER A 573 2.80 -5.47 29.90
N ALA A 574 1.61 -5.40 29.30
CA ALA A 574 1.23 -4.23 28.51
C ALA A 574 -0.29 -4.23 28.37
N GLN A 575 -0.85 -3.13 27.90
CA GLN A 575 -2.31 -3.06 27.69
C GLN A 575 -2.74 -3.90 26.48
N LYS A 576 -1.88 -3.97 25.47
CA LYS A 576 -2.17 -4.72 24.23
C LYS A 576 -1.02 -5.66 23.83
N VAL A 577 -1.38 -6.73 23.13
CA VAL A 577 -0.37 -7.64 22.60
C VAL A 577 -0.66 -7.98 21.12
N LEU A 578 0.40 -7.97 20.32
CA LEU A 578 0.27 -8.32 18.91
C LEU A 578 1.09 -9.56 18.64
N VAL A 579 0.45 -10.61 18.12
CA VAL A 579 1.21 -11.80 17.74
C VAL A 579 1.39 -11.90 16.23
N THR A 580 2.64 -12.09 15.80
CA THR A 580 3.00 -12.11 14.39
C THR A 580 3.79 -13.37 14.06
N VAL A 581 3.71 -14.38 14.93
CA VAL A 581 4.46 -15.62 14.73
C VAL A 581 3.92 -16.37 13.51
N PRO A 582 4.79 -17.19 12.86
CA PRO A 582 4.41 -17.89 11.63
C PRO A 582 3.26 -18.86 11.81
N LEU A 583 2.53 -19.13 10.73
CA LEU A 583 1.38 -20.02 10.74
C LEU A 583 1.69 -21.37 11.42
N ALA A 584 2.85 -21.94 11.06
CA ALA A 584 3.27 -23.25 11.57
C ALA A 584 3.36 -23.29 13.10
N LEU A 585 3.78 -22.19 13.70
CA LEU A 585 3.89 -22.07 15.15
C LEU A 585 2.52 -21.94 15.83
N LEU A 586 1.58 -21.26 15.17
CA LEU A 586 0.19 -21.22 15.64
C LEU A 586 -0.41 -22.60 15.57
N GLN A 587 -0.10 -23.32 14.50
CA GLN A 587 -0.61 -24.67 14.31
C GLN A 587 -0.06 -25.62 15.35
N LYS A 588 1.21 -25.43 15.71
CA LYS A 588 1.86 -26.26 16.72
C LYS A 588 1.34 -25.92 18.10
N GLY A 589 0.82 -24.71 18.26
CA GLY A 589 0.30 -24.26 19.54
C GLY A 589 1.41 -23.94 20.52
N ALA A 590 2.59 -23.59 20.01
CA ALA A 590 3.77 -23.30 20.85
C ALA A 590 3.53 -22.18 21.87
N ILE A 591 2.53 -21.35 21.63
CA ILE A 591 2.14 -20.31 22.56
C ILE A 591 0.81 -20.65 23.22
N GLN A 592 0.81 -20.74 24.55
CA GLN A 592 -0.42 -20.98 25.30
C GLN A 592 -1.18 -19.66 25.49
N PHE A 593 -2.45 -19.66 25.11
CA PHE A 593 -3.29 -18.49 25.28
C PHE A 593 -4.26 -18.74 26.43
N ASN A 594 -4.36 -17.78 27.35
CA ASN A 594 -5.35 -17.88 28.41
C ASN A 594 -6.17 -16.61 28.45
N PRO A 595 -7.46 -16.69 28.09
CA PRO A 595 -8.29 -17.80 27.60
C PRO A 595 -7.80 -18.33 26.25
N PRO A 596 -7.99 -19.64 26.00
CA PRO A 596 -7.60 -20.29 24.74
C PRO A 596 -8.24 -19.61 23.54
N LEU A 597 -7.66 -19.78 22.36
CA LEU A 597 -8.25 -19.26 21.14
C LEU A 597 -9.53 -20.02 20.82
N SER A 598 -10.47 -19.35 20.17
CA SER A 598 -11.72 -19.96 19.78
C SER A 598 -11.48 -21.15 18.86
N GLU A 599 -12.43 -22.09 18.87
CA GLU A 599 -12.36 -23.26 18.01
C GLU A 599 -12.50 -22.80 16.55
N LYS A 600 -13.17 -21.67 16.36
CA LYS A 600 -13.29 -21.07 15.04
C LYS A 600 -11.93 -20.56 14.54
N LYS A 601 -11.20 -19.83 15.40
CA LYS A 601 -9.83 -19.41 15.08
C LYS A 601 -8.94 -20.61 14.78
N MET A 602 -8.98 -21.61 15.66
CA MET A 602 -8.19 -22.82 15.46
C MET A 602 -8.53 -23.55 14.16
N LYS A 603 -9.81 -23.57 13.80
CA LYS A 603 -10.21 -24.22 12.56
C LYS A 603 -9.64 -23.45 11.36
N ALA A 604 -9.71 -22.12 11.41
CA ALA A 604 -9.06 -21.32 10.38
C ALA A 604 -7.55 -21.62 10.32
N ILE A 605 -6.91 -21.56 11.49
CA ILE A 605 -5.47 -21.83 11.63
C ILE A 605 -5.04 -23.15 11.00
N ASN A 606 -5.85 -24.19 11.17
CA ASN A 606 -5.51 -25.51 10.65
C ASN A 606 -6.00 -25.75 9.24
N SER A 607 -6.81 -24.85 8.72
CA SER A 607 -7.31 -24.99 7.35
C SER A 607 -6.28 -24.48 6.34
N LEU A 608 -5.34 -23.68 6.81
CA LEU A 608 -4.31 -23.13 5.94
C LEU A 608 -3.10 -24.06 5.95
N GLY A 609 -2.39 -24.13 4.83
CA GLY A 609 -1.19 -24.94 4.78
C GLY A 609 0.03 -24.10 5.12
N ALA A 610 1.01 -24.72 5.78
CA ALA A 610 2.28 -24.04 6.04
C ALA A 610 3.24 -24.50 4.97
N GLY A 611 3.31 -23.74 3.88
CA GLY A 611 4.07 -24.17 2.73
C GLY A 611 5.56 -23.99 2.97
N ILE A 612 6.36 -24.67 2.17
CA ILE A 612 7.79 -24.63 2.33
C ILE A 612 8.50 -24.74 0.98
N ILE A 613 9.52 -23.93 0.79
CA ILE A 613 10.51 -24.16 -0.24
C ILE A 613 11.85 -24.01 0.45
N GLU A 614 12.91 -24.46 -0.19
CA GLU A 614 14.25 -24.16 0.30
C GLU A 614 15.06 -23.62 -0.87
N LYS A 615 16.14 -22.93 -0.54
CA LYS A 615 17.01 -22.33 -1.54
C LYS A 615 18.45 -22.88 -1.46
N ILE A 616 19.11 -22.92 -2.59
CA ILE A 616 20.54 -23.16 -2.59
C ILE A 616 21.17 -22.00 -3.33
N ALA A 617 22.30 -21.52 -2.83
CA ALA A 617 23.05 -20.48 -3.56
C ALA A 617 24.48 -20.98 -3.76
N LEU A 618 25.08 -20.64 -4.90
CA LEU A 618 26.37 -21.21 -5.33
C LEU A 618 27.25 -20.13 -5.93
N GLN A 619 28.46 -20.00 -5.41
CA GLN A 619 29.45 -19.08 -6.00
C GLN A 619 30.44 -19.87 -6.85
N PHE A 620 30.74 -19.35 -8.03
CA PHE A 620 31.68 -19.98 -8.96
C PHE A 620 32.86 -19.05 -9.24
N PRO A 621 33.98 -19.60 -9.77
CA PRO A 621 35.13 -18.82 -10.21
C PRO A 621 34.80 -17.83 -11.32
N TYR A 622 33.95 -18.23 -12.26
CA TYR A 622 33.57 -17.39 -13.39
C TYR A 622 32.15 -17.75 -13.86
N ARG A 623 31.59 -16.92 -14.76
CA ARG A 623 30.20 -17.07 -15.21
C ARG A 623 30.01 -18.00 -16.41
N PHE A 624 29.98 -19.31 -16.15
CA PHE A 624 29.96 -20.32 -17.20
C PHE A 624 28.70 -20.40 -18.04
N TRP A 625 27.63 -19.76 -17.59
CA TRP A 625 26.34 -19.84 -18.28
C TRP A 625 26.17 -18.69 -19.28
N ASP A 626 27.09 -17.73 -19.26
CA ASP A 626 26.91 -16.50 -20.03
C ASP A 626 26.68 -16.72 -21.52
N SER A 627 27.43 -17.66 -22.09
CA SER A 627 27.31 -17.98 -23.51
C SER A 627 25.90 -18.40 -23.86
N LYS A 628 25.39 -19.42 -23.18
CA LYS A 628 24.09 -19.96 -23.51
C LYS A 628 22.90 -19.15 -22.95
N VAL A 629 23.08 -18.52 -21.79
CA VAL A 629 21.97 -17.82 -21.15
C VAL A 629 21.75 -16.41 -21.71
N GLN A 630 22.84 -15.71 -22.02
CA GLN A 630 22.80 -14.47 -22.78
C GLN A 630 22.07 -13.31 -22.10
N GLY A 631 22.33 -13.12 -20.82
CA GLY A 631 21.80 -11.95 -20.12
C GLY A 631 20.51 -12.17 -19.35
N ALA A 632 19.77 -13.23 -19.67
CA ALA A 632 18.53 -13.54 -18.97
C ALA A 632 18.76 -13.61 -17.46
N ASP A 633 17.76 -13.15 -16.70
CA ASP A 633 17.89 -13.11 -15.25
C ASP A 633 17.74 -14.50 -14.65
N PHE A 634 17.09 -15.39 -15.37
CA PHE A 634 16.92 -16.76 -14.92
C PHE A 634 16.85 -17.71 -16.08
N PHE A 635 17.03 -18.99 -15.80
CA PHE A 635 16.73 -20.02 -16.79
C PHE A 635 16.00 -21.18 -16.16
N GLY A 636 15.15 -21.84 -16.95
CA GLY A 636 14.40 -22.99 -16.47
C GLY A 636 15.05 -24.33 -16.74
N HIS A 637 14.65 -25.33 -15.97
CA HIS A 637 15.21 -26.67 -16.04
C HIS A 637 14.06 -27.64 -16.28
N VAL A 638 13.97 -28.18 -17.49
CA VAL A 638 12.93 -29.16 -17.78
C VAL A 638 13.18 -30.42 -16.97
N PRO A 639 12.20 -30.84 -16.17
CA PRO A 639 12.41 -32.00 -15.31
C PRO A 639 12.36 -33.36 -16.06
N PRO A 640 13.21 -34.32 -15.66
CA PRO A 640 13.26 -35.64 -16.30
C PRO A 640 12.06 -36.50 -15.96
N SER A 641 11.48 -36.26 -14.78
CA SER A 641 10.35 -37.04 -14.32
C SER A 641 9.55 -36.19 -13.37
N ALA A 642 8.31 -36.60 -13.14
CA ALA A 642 7.37 -35.88 -12.29
C ALA A 642 7.89 -35.76 -10.86
N SER A 643 8.38 -36.86 -10.31
CA SER A 643 8.80 -36.90 -8.91
C SER A 643 9.93 -35.90 -8.60
N LYS A 644 10.76 -35.61 -9.60
CA LYS A 644 11.86 -34.68 -9.41
C LYS A 644 11.57 -33.25 -9.89
N ARG A 645 10.33 -32.97 -10.29
CA ARG A 645 10.03 -31.70 -10.96
C ARG A 645 10.39 -30.46 -10.11
N GLY A 646 10.29 -30.62 -8.79
CA GLY A 646 10.61 -29.52 -7.88
C GLY A 646 12.07 -29.31 -7.51
N LEU A 647 12.96 -30.15 -8.04
CA LEU A 647 14.39 -30.06 -7.79
C LEU A 647 15.05 -29.08 -8.75
N PHE A 648 15.19 -27.84 -8.31
CA PHE A 648 15.81 -26.78 -9.12
C PHE A 648 15.17 -26.56 -10.50
N ALA A 649 13.87 -26.23 -10.49
CA ALA A 649 13.16 -25.99 -11.72
C ALA A 649 13.68 -24.72 -12.36
N VAL A 650 14.09 -23.76 -11.54
CA VAL A 650 14.55 -22.46 -12.04
C VAL A 650 15.86 -21.99 -11.37
N PHE A 651 16.79 -21.46 -12.16
CA PHE A 651 18.04 -20.91 -11.64
C PHE A 651 18.04 -19.42 -11.81
N TYR A 652 18.53 -18.71 -10.80
CA TYR A 652 18.51 -17.25 -10.79
C TYR A 652 19.93 -16.71 -10.76
N ASP A 653 20.20 -15.76 -11.66
CA ASP A 653 21.50 -15.15 -11.77
C ASP A 653 21.53 -14.00 -10.79
N MET A 654 22.33 -14.11 -9.74
CA MET A 654 22.22 -13.19 -8.60
C MET A 654 22.99 -11.86 -8.74
N ASP A 655 23.60 -11.61 -9.89
CA ASP A 655 24.23 -10.31 -10.14
C ASP A 655 23.70 -9.62 -11.40
N PRO A 656 22.81 -8.64 -11.23
CA PRO A 656 22.22 -7.88 -12.34
C PRO A 656 23.29 -7.21 -13.22
N GLN A 657 24.41 -6.78 -12.64
CA GLN A 657 25.46 -6.14 -13.43
C GLN A 657 26.20 -7.14 -14.31
N LYS A 658 26.02 -8.43 -14.00
CA LYS A 658 26.58 -9.53 -14.78
C LYS A 658 28.12 -9.58 -14.72
N LYS A 659 28.66 -9.23 -13.56
CA LYS A 659 30.09 -9.28 -13.31
C LYS A 659 30.46 -10.47 -12.41
N HIS A 660 29.74 -10.63 -11.31
CA HIS A 660 30.02 -11.73 -10.40
C HIS A 660 29.30 -12.99 -10.83
N SER A 661 29.63 -14.12 -10.21
CA SER A 661 29.08 -15.40 -10.64
C SER A 661 28.45 -16.20 -9.51
N VAL A 662 27.16 -15.92 -9.28
CA VAL A 662 26.39 -16.58 -8.25
C VAL A 662 25.03 -16.98 -8.81
N LEU A 663 24.68 -18.24 -8.61
CA LEU A 663 23.39 -18.75 -9.02
C LEU A 663 22.61 -19.11 -7.78
N MET A 664 21.31 -18.87 -7.81
CA MET A 664 20.43 -19.34 -6.74
C MET A 664 19.39 -20.28 -7.35
N SER A 665 18.97 -21.28 -6.59
CA SER A 665 17.86 -22.09 -7.07
C SER A 665 16.99 -22.53 -5.92
N VAL A 666 15.88 -23.16 -6.27
CA VAL A 666 14.85 -23.45 -5.30
C VAL A 666 14.46 -24.92 -5.28
N ILE A 667 14.22 -25.43 -4.09
CA ILE A 667 13.69 -26.78 -3.94
C ILE A 667 12.21 -26.69 -3.50
N ALA A 668 11.33 -27.38 -4.24
CA ALA A 668 9.89 -27.23 -4.03
C ALA A 668 9.12 -28.51 -4.27
N GLY A 669 7.90 -28.55 -3.78
CA GLY A 669 7.04 -29.71 -3.96
C GLY A 669 7.57 -30.95 -3.25
N GLU A 670 7.31 -32.09 -3.87
CA GLU A 670 7.76 -33.39 -3.38
C GLU A 670 9.26 -33.38 -3.05
N ALA A 671 10.03 -32.59 -3.79
CA ALA A 671 11.48 -32.50 -3.60
C ALA A 671 11.96 -31.98 -2.22
N VAL A 672 11.17 -31.17 -1.53
CA VAL A 672 11.66 -30.73 -0.22
C VAL A 672 11.69 -31.90 0.76
N ALA A 673 10.69 -32.77 0.69
CA ALA A 673 10.70 -34.00 1.50
C ALA A 673 11.90 -34.87 1.14
N SER A 674 12.21 -34.95 -0.15
CA SER A 674 13.31 -35.81 -0.59
C SER A 674 14.66 -35.33 -0.06
N VAL A 675 14.67 -34.14 0.53
CA VAL A 675 15.91 -33.44 0.82
C VAL A 675 16.17 -33.29 2.31
N ARG A 676 15.16 -33.58 3.13
CA ARG A 676 15.31 -33.30 4.56
C ARG A 676 16.25 -34.24 5.30
N THR A 677 16.46 -35.42 4.73
CA THR A 677 17.41 -36.37 5.30
C THR A 677 18.72 -36.33 4.57
N LEU A 678 18.89 -35.40 3.64
CA LEU A 678 20.17 -35.26 2.95
C LEU A 678 21.00 -34.16 3.59
N ASP A 679 22.31 -34.35 3.67
CA ASP A 679 23.13 -33.26 4.17
C ASP A 679 23.45 -32.25 3.07
N ASP A 680 24.00 -31.11 3.46
CA ASP A 680 24.26 -30.04 2.51
C ASP A 680 25.09 -30.46 1.31
N LYS A 681 26.14 -31.24 1.55
CA LYS A 681 27.02 -31.70 0.47
C LYS A 681 26.25 -32.47 -0.61
N GLN A 682 25.43 -33.43 -0.20
CA GLN A 682 24.56 -34.21 -1.09
C GLN A 682 23.62 -33.34 -1.95
N VAL A 683 22.84 -32.48 -1.31
CA VAL A 683 22.00 -31.49 -2.00
C VAL A 683 22.82 -30.73 -3.05
N LEU A 684 24.00 -30.29 -2.64
CA LEU A 684 24.93 -29.59 -3.52
C LEU A 684 25.38 -30.45 -4.72
N GLN A 685 25.58 -31.75 -4.47
CA GLN A 685 26.04 -32.67 -5.51
C GLN A 685 24.94 -32.82 -6.53
N GLN A 686 23.72 -32.98 -6.06
CA GLN A 686 22.57 -33.06 -6.95
C GLN A 686 22.39 -31.78 -7.78
N CYS A 687 22.62 -30.64 -7.17
CA CYS A 687 22.46 -29.39 -7.91
C CYS A 687 23.54 -29.31 -8.99
N MET A 688 24.77 -29.65 -8.62
CA MET A 688 25.87 -29.68 -9.60
C MET A 688 25.65 -30.70 -10.72
N ALA A 689 25.15 -31.88 -10.36
CA ALA A 689 24.76 -32.87 -11.35
C ALA A 689 23.81 -32.24 -12.36
N THR A 690 22.81 -31.52 -11.85
CA THR A 690 21.83 -30.84 -12.69
C THR A 690 22.47 -29.78 -13.56
N LEU A 691 23.28 -28.93 -12.96
CA LEU A 691 23.89 -27.85 -13.73
C LEU A 691 24.81 -28.43 -14.83
N ARG A 692 25.49 -29.53 -14.52
CA ARG A 692 26.34 -30.16 -15.53
C ARG A 692 25.53 -30.78 -16.66
N GLU A 693 24.37 -31.37 -16.35
CA GLU A 693 23.46 -31.82 -17.40
C GLU A 693 22.95 -30.65 -18.23
N LEU A 694 22.62 -29.53 -17.59
CA LEU A 694 22.02 -28.41 -18.32
C LEU A 694 23.04 -27.76 -19.23
N PHE A 695 24.31 -27.86 -18.83
CA PHE A 695 25.41 -27.32 -19.63
C PHE A 695 26.39 -28.42 -20.07
N LYS A 696 25.85 -29.44 -20.74
CA LYS A 696 26.64 -30.58 -21.16
C LYS A 696 27.61 -30.21 -22.28
N GLU A 697 27.37 -29.08 -22.92
CA GLU A 697 28.22 -28.61 -24.01
C GLU A 697 29.41 -27.82 -23.46
N GLN A 698 29.88 -28.22 -22.29
CA GLN A 698 31.01 -27.55 -21.65
C GLN A 698 31.34 -28.05 -20.28
N GLU A 699 32.53 -27.71 -19.79
CA GLU A 699 32.89 -28.03 -18.41
C GLU A 699 32.27 -26.97 -17.51
N VAL A 700 31.65 -27.38 -16.41
CA VAL A 700 31.25 -26.39 -15.43
C VAL A 700 32.11 -26.49 -14.16
N PRO A 701 32.70 -25.36 -13.76
CA PRO A 701 33.62 -25.31 -12.62
C PRO A 701 32.92 -25.69 -11.34
N ASP A 702 33.67 -26.22 -10.38
CA ASP A 702 33.11 -26.49 -9.08
C ASP A 702 32.73 -25.16 -8.45
N PRO A 703 31.69 -25.18 -7.59
CA PRO A 703 31.35 -23.99 -6.80
C PRO A 703 32.39 -23.77 -5.71
N THR A 704 32.74 -22.53 -5.40
CA THR A 704 33.72 -22.27 -4.34
C THR A 704 33.08 -21.90 -2.98
N LYS A 705 31.78 -21.57 -3.00
CA LYS A 705 31.02 -21.24 -1.80
C LYS A 705 29.54 -21.56 -2.02
N TYR A 706 28.82 -21.91 -0.95
CA TYR A 706 27.40 -22.20 -1.08
C TYR A 706 26.64 -22.28 0.23
N PHE A 707 25.33 -22.16 0.15
CA PHE A 707 24.47 -22.55 1.27
C PHE A 707 23.27 -23.34 0.81
N VAL A 708 22.71 -24.12 1.72
CA VAL A 708 21.44 -24.78 1.52
C VAL A 708 20.60 -24.41 2.74
N THR A 709 19.37 -23.96 2.53
CA THR A 709 18.55 -23.51 3.65
C THR A 709 17.83 -24.67 4.31
N ARG A 710 17.47 -24.50 5.57
CA ARG A 710 16.71 -25.50 6.29
C ARG A 710 15.54 -24.84 7.04
N TRP A 711 14.80 -23.98 6.36
CA TRP A 711 13.63 -23.32 6.96
C TRP A 711 12.64 -24.30 7.54
N SER A 712 12.48 -25.43 6.86
CA SER A 712 11.52 -26.43 7.27
C SER A 712 11.71 -26.88 8.72
N THR A 713 12.96 -26.96 9.17
CA THR A 713 13.25 -27.42 10.51
C THR A 713 13.76 -26.33 11.45
N ASP A 714 13.74 -25.07 11.00
CA ASP A 714 13.99 -23.94 11.91
C ASP A 714 12.82 -23.83 12.91
N PRO A 715 13.08 -24.08 14.21
CA PRO A 715 12.08 -24.32 15.26
C PRO A 715 11.05 -23.20 15.42
N TRP A 716 11.46 -21.97 15.21
CA TRP A 716 10.58 -20.83 15.39
C TRP A 716 9.94 -20.35 14.08
N ILE A 717 10.19 -21.07 12.99
CA ILE A 717 9.66 -20.68 11.71
C ILE A 717 8.97 -21.84 11.01
N GLN A 718 9.73 -22.88 10.66
CA GLN A 718 9.19 -24.16 10.17
C GLN A 718 8.41 -24.10 8.86
N MET A 719 8.64 -23.05 8.08
CA MET A 719 7.87 -22.84 6.86
C MET A 719 8.49 -21.73 6.00
N ALA A 720 8.03 -21.63 4.77
CA ALA A 720 8.36 -20.50 3.90
C ALA A 720 7.17 -19.53 3.76
N TYR A 721 6.01 -20.05 3.38
CA TYR A 721 4.82 -19.21 3.26
C TYR A 721 3.53 -20.01 3.15
N SER A 722 2.42 -19.38 3.51
CA SER A 722 1.13 -20.07 3.57
C SER A 722 0.49 -20.27 2.21
N PHE A 723 -0.44 -21.22 2.16
CA PHE A 723 -1.29 -21.47 1.01
C PHE A 723 -2.58 -22.08 1.53
N VAL A 724 -3.59 -22.16 0.67
CA VAL A 724 -4.86 -22.77 1.10
C VAL A 724 -4.94 -24.28 0.84
N LYS A 725 -5.12 -25.02 1.91
CA LYS A 725 -5.21 -26.48 1.83
C LYS A 725 -6.56 -26.85 1.26
N THR A 726 -6.64 -28.03 0.67
CA THR A 726 -7.92 -28.59 0.24
C THR A 726 -8.98 -28.48 1.34
N GLY A 727 -10.14 -27.95 0.98
CA GLY A 727 -11.23 -27.82 1.93
C GLY A 727 -11.21 -26.47 2.59
N GLY A 728 -10.21 -25.66 2.25
CA GLY A 728 -10.02 -24.41 2.97
C GLY A 728 -10.56 -23.24 2.19
N SER A 729 -10.49 -22.07 2.82
CA SER A 729 -11.05 -20.86 2.25
C SER A 729 -10.11 -19.68 2.45
N GLY A 730 -10.15 -18.71 1.53
CA GLY A 730 -9.49 -17.44 1.75
C GLY A 730 -9.95 -16.75 3.03
N GLU A 731 -11.16 -17.08 3.46
CA GLU A 731 -11.71 -16.49 4.70
C GLU A 731 -10.85 -16.80 5.96
N ALA A 732 -10.11 -17.90 5.93
CA ALA A 732 -9.24 -18.23 7.06
C ALA A 732 -8.26 -17.08 7.39
N TYR A 733 -7.76 -16.39 6.36
CA TYR A 733 -6.88 -15.25 6.61
C TYR A 733 -7.54 -14.19 7.47
N ASP A 734 -8.79 -13.87 7.15
CA ASP A 734 -9.53 -12.85 7.89
C ASP A 734 -9.79 -13.29 9.34
N ILE A 735 -10.10 -14.57 9.50
CA ILE A 735 -10.43 -15.12 10.80
C ILE A 735 -9.22 -15.07 11.73
N ILE A 736 -8.07 -15.50 11.21
CA ILE A 736 -6.81 -15.37 11.95
C ILE A 736 -6.49 -13.91 12.23
N ALA A 737 -6.86 -13.01 11.34
CA ALA A 737 -6.56 -11.60 11.58
C ALA A 737 -7.45 -10.94 12.67
N GLU A 738 -8.62 -11.53 12.95
CA GLU A 738 -9.61 -11.03 13.92
C GLU A 738 -8.95 -10.78 15.27
N ASP A 739 -8.98 -9.54 15.76
CA ASP A 739 -8.53 -9.25 17.11
C ASP A 739 -9.46 -9.90 18.16
N ILE A 740 -8.93 -10.06 19.36
CA ILE A 740 -9.68 -10.64 20.47
C ILE A 740 -9.87 -9.61 21.56
N GLN A 741 -11.12 -9.20 21.76
CA GLN A 741 -11.50 -8.28 22.83
C GLN A 741 -10.75 -6.96 22.81
N GLY A 742 -10.30 -6.53 21.63
CA GLY A 742 -9.56 -5.29 21.45
C GLY A 742 -8.26 -5.25 22.26
N THR A 743 -7.74 -6.45 22.51
CA THR A 743 -6.63 -6.68 23.43
C THR A 743 -5.53 -7.53 22.78
N VAL A 744 -5.92 -8.65 22.18
CA VAL A 744 -4.99 -9.51 21.49
C VAL A 744 -5.11 -9.36 19.97
N PHE A 745 -4.03 -8.94 19.33
CA PHE A 745 -4.04 -8.66 17.89
C PHE A 745 -3.16 -9.66 17.14
N PHE A 746 -3.41 -9.82 15.85
CA PHE A 746 -2.69 -10.77 15.00
C PHE A 746 -2.24 -10.14 13.68
N ALA A 747 -0.95 -10.29 13.36
CA ALA A 747 -0.43 -9.93 12.05
C ALA A 747 0.51 -11.04 11.53
N GLY A 748 0.99 -10.90 10.30
CA GLY A 748 1.82 -11.92 9.70
C GLY A 748 1.29 -12.22 8.31
N GLU A 749 2.13 -12.80 7.45
CA GLU A 749 1.71 -13.07 6.06
C GLU A 749 0.46 -13.96 6.00
N ALA A 750 0.29 -14.81 7.00
CA ALA A 750 -0.86 -15.73 7.03
C ALA A 750 -2.09 -15.09 7.66
N THR A 751 -2.05 -13.77 7.85
CA THR A 751 -3.23 -13.02 8.27
C THR A 751 -3.63 -11.99 7.21
N ASN A 752 -3.03 -12.05 6.03
CA ASN A 752 -3.33 -11.06 5.01
C ASN A 752 -4.00 -11.71 3.79
N ARG A 753 -5.33 -11.53 3.70
CA ARG A 753 -6.12 -12.21 2.68
C ARG A 753 -5.86 -11.69 1.27
N HIS A 754 -5.64 -10.38 1.15
CA HIS A 754 -5.37 -9.77 -0.15
C HIS A 754 -3.97 -10.15 -0.60
N PHE A 755 -3.04 -10.02 0.33
CA PHE A 755 -1.65 -10.15 0.02
C PHE A 755 -0.99 -11.21 0.89
N PRO A 756 -1.36 -12.47 0.69
CA PRO A 756 -0.70 -13.50 1.52
C PRO A 756 0.76 -13.75 1.09
N GLN A 757 1.50 -14.47 1.93
CA GLN A 757 2.81 -15.06 1.57
C GLN A 757 4.03 -14.14 1.63
N THR A 758 3.86 -12.87 1.29
CA THR A 758 4.99 -12.02 0.97
C THR A 758 5.44 -11.14 2.12
N VAL A 759 6.65 -10.60 1.98
CA VAL A 759 7.15 -9.59 2.92
C VAL A 759 6.22 -8.35 2.92
N THR A 760 5.74 -8.02 1.72
CA THR A 760 4.84 -6.89 1.55
C THR A 760 3.51 -7.13 2.27
N GLY A 761 2.94 -8.32 2.13
CA GLY A 761 1.72 -8.67 2.84
C GLY A 761 1.91 -8.68 4.35
N ALA A 762 3.05 -9.20 4.79
CA ALA A 762 3.34 -9.24 6.21
C ALA A 762 3.51 -7.83 6.76
N TYR A 763 4.31 -7.01 6.06
CA TYR A 763 4.51 -5.61 6.43
C TYR A 763 3.16 -4.88 6.51
N LEU A 764 2.32 -5.08 5.49
CA LEU A 764 1.04 -4.41 5.42
C LEU A 764 0.10 -4.90 6.54
N SER A 765 0.24 -6.16 6.93
CA SER A 765 -0.59 -6.69 8.02
C SER A 765 -0.18 -6.05 9.36
N GLY A 766 1.11 -5.73 9.50
CA GLY A 766 1.58 -5.02 10.68
C GLY A 766 1.11 -3.56 10.71
N VAL A 767 1.12 -2.93 9.54
CA VAL A 767 0.65 -1.56 9.43
C VAL A 767 -0.85 -1.54 9.73
N ARG A 768 -1.55 -2.58 9.27
CA ARG A 768 -2.97 -2.73 9.52
C ARG A 768 -3.28 -2.79 11.01
N GLU A 769 -2.54 -3.65 11.72
CA GLU A 769 -2.75 -3.83 13.15
C GLU A 769 -2.38 -2.60 13.98
N ALA A 770 -1.31 -1.89 13.60
CA ALA A 770 -0.90 -0.72 14.33
C ALA A 770 -2.01 0.33 14.28
N SER A 771 -2.71 0.39 13.16
CA SER A 771 -3.82 1.33 13.05
C SER A 771 -4.98 0.92 13.99
N LYS A 772 -5.36 -0.35 13.97
CA LYS A 772 -6.37 -0.89 14.89
C LYS A 772 -6.02 -0.68 16.38
N ILE A 773 -4.76 -0.93 16.71
CA ILE A 773 -4.25 -0.78 18.07
C ILE A 773 -4.23 0.70 18.51
N ALA A 774 -3.88 1.59 17.60
CA ALA A 774 -3.82 3.01 17.93
C ALA A 774 -5.22 3.61 18.19
N ALA A 775 -6.25 3.06 17.54
CA ALA A 775 -7.62 3.58 17.64
C ALA A 775 -8.30 3.16 18.94
N PHE A 776 -8.06 1.93 19.37
CA PHE A 776 -8.73 1.32 20.52
C PHE A 776 -8.53 2.08 21.83
N ASP B 70 -18.24 -2.71 -4.39
CA ASP B 70 -17.39 -3.63 -5.17
C ASP B 70 -16.03 -3.81 -4.51
N PRO B 71 -15.84 -4.94 -3.82
CA PRO B 71 -14.67 -5.13 -2.95
C PRO B 71 -13.36 -5.38 -3.70
N HIS B 72 -13.40 -5.57 -5.02
CA HIS B 72 -12.19 -5.86 -5.78
C HIS B 72 -11.23 -4.68 -5.80
N PHE B 73 -11.79 -3.47 -5.89
CA PHE B 73 -11.02 -2.27 -6.14
C PHE B 73 -10.50 -1.54 -4.91
N HIS B 74 -11.21 -1.69 -3.80
CA HIS B 74 -10.96 -0.91 -2.58
C HIS B 74 -9.52 -0.96 -2.10
N HIS B 75 -9.03 0.17 -1.61
CA HIS B 75 -7.74 0.23 -0.96
C HIS B 75 -7.73 -0.64 0.31
N PHE B 76 -6.75 -1.54 0.39
CA PHE B 76 -6.59 -2.46 1.52
C PHE B 76 -6.58 -1.76 2.89
N LEU B 77 -5.89 -0.63 3.00
CA LEU B 77 -5.74 0.03 4.28
C LEU B 77 -6.93 0.91 4.68
N LEU B 78 -7.82 1.19 3.72
CA LEU B 78 -9.00 2.03 3.94
C LEU B 78 -10.30 1.24 3.81
N SER B 79 -10.23 -0.06 4.05
CA SER B 79 -11.41 -0.92 3.99
C SER B 79 -11.42 -1.86 5.17
N GLN B 80 -10.71 -1.47 6.23
CA GLN B 80 -10.70 -2.24 7.47
C GLN B 80 -11.95 -2.01 8.32
N THR B 81 -12.93 -1.33 7.73
CA THR B 81 -14.17 -0.84 8.37
C THR B 81 -13.96 -0.14 9.72
N ALA C 1 0.23 -19.01 -3.91
CA ALA C 1 -0.71 -18.33 -4.78
C ALA C 1 0.00 -17.92 -6.07
N ARG C 2 -0.77 -17.67 -7.12
CA ARG C 2 -0.21 -17.36 -8.43
C ARG C 2 0.67 -16.11 -8.38
N THR C 3 0.36 -15.22 -7.44
CA THR C 3 1.08 -13.94 -7.32
C THR C 3 2.53 -14.09 -6.87
N MET C 4 2.89 -15.25 -6.35
CA MET C 4 4.26 -15.54 -6.01
C MET C 4 5.15 -15.84 -7.21
N GLN C 5 4.56 -16.21 -8.32
CA GLN C 5 5.35 -16.52 -9.51
C GLN C 5 6.03 -15.29 -10.16
N THR C 6 7.31 -15.43 -10.50
CA THR C 6 7.99 -14.38 -11.24
C THR C 6 8.36 -14.88 -12.64
N ALA C 7 9.34 -15.78 -12.72
CA ALA C 7 9.69 -16.43 -13.98
C ALA C 7 8.53 -17.29 -14.47
N ARG C 8 8.15 -17.15 -15.74
CA ARG C 8 7.16 -18.07 -16.34
C ARG C 8 5.79 -18.08 -15.65
N LYS C 9 5.24 -16.89 -15.38
CA LYS C 9 3.97 -16.79 -14.68
C LYS C 9 2.89 -17.57 -15.41
N SER C 10 2.09 -18.33 -14.68
CA SER C 10 0.89 -18.92 -15.27
C SER C 10 -0.13 -17.83 -15.52
N THR C 11 -1.09 -18.12 -16.41
CA THR C 11 -2.06 -17.13 -16.86
C THR C 11 -3.49 -17.67 -16.90
N GLY C 12 -3.65 -18.97 -17.09
CA GLY C 12 -4.97 -19.56 -17.19
C GLY C 12 -5.74 -19.57 -15.87
N GLY C 13 -7.06 -19.60 -15.97
CA GLY C 13 -7.90 -19.74 -14.79
C GLY C 13 -8.35 -18.45 -14.13
N LYS C 14 -8.01 -17.31 -14.72
CA LYS C 14 -8.30 -16.01 -14.11
C LYS C 14 -9.73 -15.51 -14.36
N ALA C 15 -10.35 -14.95 -13.32
CA ALA C 15 -11.65 -14.31 -13.43
C ALA C 15 -11.64 -13.16 -14.47
N PRO C 16 -12.80 -12.90 -15.10
CA PRO C 16 -12.94 -11.79 -16.06
C PRO C 16 -12.39 -10.47 -15.53
N ARG C 17 -11.56 -9.81 -16.33
CA ARG C 17 -10.88 -8.58 -15.94
C ARG C 17 -11.87 -7.48 -15.52
N LYS C 18 -11.61 -6.85 -14.37
CA LYS C 18 -12.54 -5.86 -13.81
C LYS C 18 -12.10 -4.41 -14.05
N GLN C 19 -13.01 -3.60 -14.57
CA GLN C 19 -12.69 -2.22 -14.92
C GLN C 19 -13.49 -1.19 -14.13
N LEU C 20 -13.04 0.05 -14.19
CA LEU C 20 -13.74 1.18 -13.58
C LEU C 20 -14.53 1.95 -14.63
PA FAD D . 8.30 -13.98 9.96
O1A FAD D . 9.21 -13.42 8.96
O2A FAD D . 8.39 -15.48 9.99
O5B FAD D . 8.66 -13.46 11.35
C5B FAD D . 8.24 -14.13 12.47
C4B FAD D . 9.02 -14.01 13.67
O4B FAD D . 8.31 -14.61 14.83
C3B FAD D . 10.26 -14.79 13.52
O3B FAD D . 11.39 -13.98 13.67
C2B FAD D . 10.13 -15.85 14.54
O2B FAD D . 11.35 -16.32 15.01
C1B FAD D . 9.24 -15.29 15.60
N9A FAD D . 8.57 -16.32 16.39
C8A FAD D . 8.02 -17.53 16.24
N7A FAD D . 7.60 -17.86 17.47
C5A FAD D . 7.90 -16.87 18.37
C6A FAD D . 7.69 -16.73 19.74
N6A FAD D . 7.06 -17.75 20.45
N1A FAD D . 8.11 -15.62 20.36
C2A FAD D . 8.72 -14.65 19.66
N3A FAD D . 8.94 -14.74 18.33
C4A FAD D . 8.54 -15.85 17.66
N1 FAD D . 8.51 -13.26 0.27
C2 FAD D . 8.50 -12.42 -0.79
O2 FAD D . 7.77 -11.22 -0.70
N3 FAD D . 9.25 -12.61 -1.88
C4 FAD D . 10.09 -13.66 -1.96
O4 FAD D . 10.99 -13.74 -2.98
C4X FAD D . 10.13 -14.57 -0.89
N5 FAD D . 10.95 -15.63 -0.93
C5X FAD D . 11.00 -16.46 0.14
C6 FAD D . 11.87 -17.56 0.10
C7 FAD D . 11.95 -18.42 1.17
C7M FAD D . 12.88 -19.59 1.10
C8 FAD D . 11.16 -18.19 2.29
C8M FAD D . 11.42 -19.04 3.51
C9 FAD D . 10.29 -17.10 2.35
C9A FAD D . 10.21 -16.23 1.26
N10 FAD D . 9.36 -15.16 1.29
C10 FAD D . 9.33 -14.33 0.25
C1' FAD D . 8.28 -15.03 2.29
C2' FAD D . 8.57 -14.19 3.46
O2' FAD D . 9.77 -13.99 3.72
C3' FAD D . 7.48 -14.09 4.54
O3' FAD D . 6.22 -13.99 3.99
C4' FAD D . 7.66 -12.92 5.46
O4' FAD D . 8.96 -12.88 5.99
C5' FAD D . 6.74 -13.04 6.63
O5' FAD D . 6.87 -12.11 7.65
P FAD D . 6.24 -12.35 9.08
O1P FAD D . 6.49 -11.19 9.98
O2P FAD D . 4.72 -12.64 8.88
O3P FAD D . 6.79 -13.67 9.69
I IOD E . 18.23 -19.25 17.05
I IOD F . -1.38 8.48 -10.44
I IOD G . -26.26 32.52 -8.62
I IOD H . -26.80 23.92 0.40
I IOD I . -29.03 30.32 -1.01
I IOD J . 1.42 40.86 1.53
C1 GOL K . 16.85 -20.75 7.85
O1 GOL K . 16.86 -21.44 9.08
C2 GOL K . 17.83 -21.36 6.88
O2 GOL K . 18.46 -22.43 7.51
C3 GOL K . 18.84 -20.36 6.36
O3 GOL K . 20.02 -20.98 5.85
C1 GOL L . 31.26 -29.68 -5.99
O1 GOL L . 31.96 -29.93 -4.80
C2 GOL L . 30.12 -30.67 -6.21
O2 GOL L . 29.81 -31.44 -5.08
C3 GOL L . 30.49 -31.57 -7.39
O3 GOL L . 31.03 -30.72 -8.35
ZN ZN M . -26.31 34.60 4.28
ZN ZN N . -21.68 45.20 -3.89
ZN ZN O . -0.26 38.37 14.13
#